data_2E0Z
#
_entry.id   2E0Z
#
_cell.length_a   631.500
_cell.length_b   631.500
_cell.length_c   351.300
_cell.angle_alpha   90.00
_cell.angle_beta   90.00
_cell.angle_gamma   90.00
#
_symmetry.space_group_name_H-M   'P 41 21 2'
#
_entity_poly.entity_id   1
_entity_poly.type   'polypeptide(L)'
_entity_poly.pdbx_seq_one_letter_code
;MLSINPTLINRDKPYTKEELMEILRLAIIAELDAINLYEQMARYSEDENVRKILLDVAREEKAHVGEFMALLLNLDPEQV
TELKGGFEEVKELTGIEAHINDNKKEESNVEYFEKLRSALLDGVNKGRSLLKHLPVTRIEGQSFRVDIIKFEDGVRVVKQ
EYKPIPLLKKKFYVGIRELNDGTYDVSIATKAGELLVKDEESLVIREILSTEGIKKMKLSSWDNPEEALNDLMNALQEAS
NASAGPFGLIINPKRYAKLLKIYEKSGKMLVEVLKEIFRGGIIVTLNIDENKVIIFANTPAVLDVVVGQDVTLQELGPEG
DDVAFLVSEAIGIRIKNPEAIVVLE
;
_entity_poly.pdbx_strand_id   A,B,C
#
# COMPACT_ATOMS: atom_id res chain seq x y z
N VAL A 110 30.51 30.19 0.22
CA VAL A 110 31.69 30.44 -0.66
C VAL A 110 32.33 29.10 -1.11
N GLU A 111 33.48 28.77 -0.52
CA GLU A 111 34.20 27.54 -0.84
C GLU A 111 33.93 26.44 0.16
N TYR A 112 34.35 26.66 1.41
CA TYR A 112 34.18 25.67 2.46
C TYR A 112 32.83 24.97 2.43
N PHE A 113 31.85 25.55 1.78
CA PHE A 113 30.55 24.91 1.72
C PHE A 113 30.55 23.84 0.65
N GLU A 114 30.47 24.28 -0.61
CA GLU A 114 30.46 23.35 -1.72
C GLU A 114 31.40 22.18 -1.53
N LYS A 115 32.50 22.39 -0.83
CA LYS A 115 33.45 21.31 -0.60
C LYS A 115 32.92 20.42 0.50
N LEU A 116 32.53 21.01 1.62
CA LEU A 116 32.00 20.22 2.72
C LEU A 116 30.83 19.38 2.24
N ARG A 117 29.88 20.01 1.56
CA ARG A 117 28.71 19.28 1.11
C ARG A 117 29.10 18.15 0.19
N SER A 118 30.02 18.42 -0.72
CA SER A 118 30.46 17.38 -1.64
C SER A 118 31.02 16.19 -0.86
N ALA A 119 31.95 16.46 0.06
CA ALA A 119 32.53 15.40 0.86
C ALA A 119 31.48 14.76 1.76
N LEU A 120 30.34 15.43 1.90
CA LEU A 120 29.26 14.89 2.72
C LEU A 120 28.57 13.81 1.91
N LEU A 121 28.29 14.12 0.66
CA LEU A 121 27.62 13.17 -0.23
C LEU A 121 28.51 12.00 -0.58
N ASP A 122 29.72 12.28 -1.05
CA ASP A 122 30.65 11.23 -1.41
C ASP A 122 31.03 10.38 -0.22
N GLY A 123 30.36 10.62 0.90
CA GLY A 123 30.62 9.87 2.11
C GLY A 123 29.35 9.12 2.45
N VAL A 124 28.26 9.62 1.87
CA VAL A 124 26.95 9.02 2.06
C VAL A 124 26.84 7.83 1.12
N ASN A 125 27.33 8.00 -0.11
CA ASN A 125 27.29 6.91 -1.08
C ASN A 125 28.17 5.75 -0.67
N LYS A 126 29.35 6.08 -0.15
CA LYS A 126 30.27 5.05 0.28
C LYS A 126 29.65 4.11 1.32
N GLY A 127 28.62 4.58 2.02
CA GLY A 127 28.01 3.74 3.05
C GLY A 127 26.56 3.34 2.84
N ARG A 128 25.93 3.92 1.83
CA ARG A 128 24.53 3.64 1.53
C ARG A 128 24.40 2.46 0.57
N SER A 129 23.58 1.48 0.96
CA SER A 129 23.38 0.30 0.13
C SER A 129 21.90 -0.10 0.06
N LEU A 130 21.29 -0.25 1.23
CA LEU A 130 19.90 -0.61 1.29
C LEU A 130 19.07 0.34 0.43
N LEU A 131 19.26 1.64 0.65
CA LEU A 131 18.52 2.64 -0.09
C LEU A 131 18.82 2.72 -1.59
N LYS A 132 19.76 1.91 -2.06
CA LYS A 132 20.08 1.95 -3.48
C LYS A 132 19.31 0.91 -4.23
N HIS A 133 18.76 -0.06 -3.51
CA HIS A 133 18.03 -1.14 -4.15
C HIS A 133 16.53 -1.14 -3.91
N LEU A 134 16.10 -0.78 -2.70
CA LEU A 134 14.68 -0.75 -2.44
C LEU A 134 14.02 0.30 -3.32
N PRO A 135 12.72 0.16 -3.55
CA PRO A 135 12.00 1.13 -4.39
C PRO A 135 11.71 2.39 -3.60
N VAL A 136 12.11 3.53 -4.14
CA VAL A 136 11.86 4.79 -3.46
C VAL A 136 10.89 5.69 -4.16
N THR A 137 9.96 6.21 -3.38
CA THR A 137 8.95 7.11 -3.88
C THR A 137 9.18 8.41 -3.16
N ARG A 138 9.36 9.47 -3.95
CA ARG A 138 9.59 10.79 -3.42
C ARG A 138 8.25 11.47 -3.23
N ILE A 139 7.90 11.66 -1.96
CA ILE A 139 6.64 12.30 -1.61
C ILE A 139 6.96 13.74 -1.23
N GLU A 140 5.91 14.56 -1.11
CA GLU A 140 6.09 15.94 -0.73
C GLU A 140 5.18 16.17 0.46
N GLY A 141 5.70 15.92 1.64
CA GLY A 141 4.92 16.07 2.85
C GLY A 141 5.69 15.72 4.09
N GLN A 142 4.97 15.32 5.13
CA GLN A 142 5.61 14.98 6.38
C GLN A 142 5.18 13.59 6.81
N SER A 143 4.18 13.05 6.12
CA SER A 143 3.67 11.71 6.44
C SER A 143 3.05 11.07 5.20
N PHE A 144 2.91 9.75 5.23
CA PHE A 144 2.33 9.04 4.09
C PHE A 144 1.24 8.06 4.54
N ARG A 145 0.46 7.57 3.58
CA ARG A 145 -0.61 6.64 3.89
C ARG A 145 -0.22 5.23 3.49
N VAL A 146 -0.61 4.26 4.31
CA VAL A 146 -0.29 2.87 4.02
C VAL A 146 -1.54 2.10 3.68
N ASP A 147 -1.82 1.96 2.40
CA ASP A 147 -3.00 1.23 1.95
C ASP A 147 -2.76 -0.28 1.92
N ILE A 148 -3.38 -1.01 2.85
CA ILE A 148 -3.22 -2.47 2.88
C ILE A 148 -4.38 -3.16 2.17
N ILE A 149 -4.09 -3.78 1.03
CA ILE A 149 -5.12 -4.45 0.24
C ILE A 149 -5.18 -5.95 0.47
N LYS A 150 -6.40 -6.46 0.54
CA LYS A 150 -6.65 -7.89 0.71
C LYS A 150 -7.87 -8.30 -0.09
N PHE A 151 -8.19 -9.58 -0.07
CA PHE A 151 -9.31 -10.06 -0.85
C PHE A 151 -10.56 -10.42 -0.07
N GLU A 152 -11.63 -9.69 -0.31
CA GLU A 152 -12.93 -9.90 0.33
C GLU A 152 -13.94 -9.44 -0.69
N ASP A 153 -14.61 -10.39 -1.36
CA ASP A 153 -15.56 -10.04 -2.40
C ASP A 153 -14.90 -8.99 -3.27
N GLY A 154 -13.71 -9.33 -3.76
CA GLY A 154 -12.95 -8.41 -4.59
C GLY A 154 -11.72 -7.95 -3.87
N VAL A 155 -10.69 -7.55 -4.62
CA VAL A 155 -9.48 -7.09 -4.01
C VAL A 155 -9.75 -5.63 -3.74
N ARG A 156 -9.70 -5.26 -2.46
CA ARG A 156 -9.96 -3.89 -2.05
C ARG A 156 -9.15 -3.54 -0.80
N VAL A 157 -9.06 -2.26 -0.51
CA VAL A 157 -8.30 -1.79 0.64
C VAL A 157 -8.98 -2.15 1.94
N VAL A 158 -8.34 -3.00 2.73
CA VAL A 158 -8.92 -3.39 3.99
C VAL A 158 -8.62 -2.38 5.09
N LYS A 159 -7.34 -2.13 5.35
CA LYS A 159 -6.93 -1.19 6.39
C LYS A 159 -6.05 -0.05 5.88
N GLN A 160 -6.43 1.18 6.22
CA GLN A 160 -5.68 2.37 5.86
C GLN A 160 -4.92 2.80 7.11
N GLU A 161 -3.74 3.40 6.93
CA GLU A 161 -2.95 3.82 8.07
C GLU A 161 -2.04 4.99 7.69
N TYR A 162 -1.98 6.01 8.53
CA TYR A 162 -1.13 7.15 8.26
C TYR A 162 0.10 7.15 9.13
N LYS A 163 1.27 7.18 8.49
CA LYS A 163 2.52 7.19 9.22
C LYS A 163 3.31 8.43 8.87
N PRO A 164 4.02 8.97 9.87
CA PRO A 164 4.84 10.17 9.74
C PRO A 164 6.26 9.83 9.31
N ILE A 165 6.84 10.69 8.48
CA ILE A 165 8.20 10.49 8.03
C ILE A 165 9.08 11.23 9.02
N PRO A 166 9.93 10.50 9.77
CA PRO A 166 10.79 11.16 10.73
C PRO A 166 11.98 11.85 10.06
N LEU A 167 12.61 12.76 10.82
CA LEU A 167 13.74 13.50 10.31
C LEU A 167 15.03 12.94 10.88
N LEU A 168 15.92 12.56 9.97
CA LEU A 168 17.21 12.02 10.36
C LEU A 168 18.23 13.14 10.25
N LYS A 169 19.03 13.31 11.28
CA LYS A 169 20.01 14.39 11.26
C LYS A 169 21.27 14.15 12.07
N LYS A 170 22.38 14.64 11.50
CA LYS A 170 23.69 14.59 12.10
C LYS A 170 24.26 15.97 11.92
N LYS A 171 24.95 16.45 12.95
CA LYS A 171 25.54 17.78 12.93
C LYS A 171 27.04 17.67 13.09
N PHE A 172 27.77 18.46 12.32
CA PHE A 172 29.21 18.43 12.45
C PHE A 172 29.71 19.86 12.58
N TYR A 173 30.81 20.01 13.29
CA TYR A 173 31.41 21.31 13.55
C TYR A 173 32.82 21.52 12.98
N VAL A 174 32.99 22.56 12.19
CA VAL A 174 34.29 22.86 11.61
C VAL A 174 34.82 24.14 12.24
N GLY A 175 36.01 24.08 12.82
CA GLY A 175 36.60 25.26 13.46
C GLY A 175 36.53 26.56 12.65
N ILE A 176 36.31 27.68 13.34
CA ILE A 176 36.21 28.95 12.64
C ILE A 176 37.55 29.19 11.99
N ARG A 177 38.58 29.21 12.82
CA ARG A 177 39.93 29.46 12.34
C ARG A 177 40.16 28.65 11.09
N GLU A 178 40.21 27.34 11.27
CA GLU A 178 40.44 26.42 10.18
C GLU A 178 39.68 26.79 8.93
N LEU A 179 38.42 27.19 9.08
CA LEU A 179 37.61 27.55 7.92
C LEU A 179 38.18 28.73 7.16
N ASN A 180 39.08 29.47 7.78
CA ASN A 180 39.69 30.62 7.14
C ASN A 180 41.08 30.31 6.59
N ASP A 181 41.82 29.45 7.29
CA ASP A 181 43.16 29.07 6.84
C ASP A 181 43.04 28.28 5.56
N GLY A 182 41.99 27.47 5.49
CA GLY A 182 41.77 26.61 4.33
C GLY A 182 42.25 25.26 4.82
N THR A 183 42.67 25.28 6.08
CA THR A 183 43.20 24.12 6.74
C THR A 183 42.11 23.20 7.34
N TYR A 184 40.85 23.37 6.95
CA TYR A 184 39.78 22.54 7.51
C TYR A 184 39.76 21.16 6.88
N ASP A 185 39.38 20.16 7.67
CA ASP A 185 39.33 18.78 7.20
C ASP A 185 37.96 18.34 6.67
N VAL A 186 37.80 18.41 5.35
CA VAL A 186 36.54 18.04 4.74
C VAL A 186 36.05 16.67 5.17
N SER A 187 36.96 15.83 5.63
CA SER A 187 36.57 14.50 6.02
C SER A 187 35.63 14.50 7.23
N ILE A 188 35.37 15.67 7.80
CA ILE A 188 34.45 15.70 8.94
C ILE A 188 33.09 15.46 8.34
N ALA A 189 32.79 16.21 7.28
CA ALA A 189 31.51 16.09 6.59
C ALA A 189 31.30 14.62 6.24
N THR A 190 32.34 13.98 5.73
CA THR A 190 32.23 12.58 5.37
C THR A 190 31.77 11.76 6.57
N LYS A 191 32.54 11.78 7.65
CA LYS A 191 32.17 11.02 8.84
C LYS A 191 30.74 11.34 9.23
N ALA A 192 30.27 12.51 8.87
CA ALA A 192 28.91 12.92 9.21
C ALA A 192 27.94 12.11 8.37
N GLY A 193 27.99 12.31 7.06
CA GLY A 193 27.11 11.58 6.17
C GLY A 193 27.24 10.08 6.36
N GLU A 194 28.48 9.63 6.47
CA GLU A 194 28.78 8.21 6.66
C GLU A 194 27.96 7.72 7.85
N LEU A 195 27.82 8.62 8.83
CA LEU A 195 27.10 8.32 10.05
C LEU A 195 25.59 8.43 9.87
N LEU A 196 25.19 9.29 8.94
CA LEU A 196 23.78 9.50 8.68
C LEU A 196 23.17 8.22 8.18
N VAL A 197 23.65 7.76 7.03
CA VAL A 197 23.12 6.54 6.43
C VAL A 197 23.12 5.37 7.40
N LYS A 198 24.10 5.29 8.28
CA LYS A 198 24.12 4.20 9.23
C LYS A 198 22.82 4.23 10.04
N ASP A 199 22.28 5.41 10.27
CA ASP A 199 21.04 5.53 11.01
C ASP A 199 19.89 5.30 10.06
N GLU A 200 19.99 5.92 8.88
CA GLU A 200 18.99 5.77 7.85
C GLU A 200 18.76 4.29 7.56
N GLU A 201 19.85 3.58 7.27
CA GLU A 201 19.78 2.16 6.97
C GLU A 201 19.18 1.43 8.14
N SER A 202 19.72 1.68 9.33
CA SER A 202 19.23 1.01 10.50
C SER A 202 17.73 1.22 10.71
N LEU A 203 17.25 2.42 10.39
CA LEU A 203 15.83 2.73 10.54
C LEU A 203 15.04 1.73 9.71
N VAL A 204 15.23 1.80 8.40
CA VAL A 204 14.56 0.91 7.47
C VAL A 204 14.49 -0.50 8.00
N ILE A 205 15.65 -1.09 8.28
CA ILE A 205 15.66 -2.45 8.78
C ILE A 205 14.90 -2.63 10.07
N ARG A 206 15.05 -1.70 11.00
CA ARG A 206 14.35 -1.80 12.27
C ARG A 206 12.85 -1.78 12.08
N GLU A 207 12.40 -1.05 11.07
CA GLU A 207 10.97 -0.96 10.79
C GLU A 207 10.46 -2.19 10.10
N ILE A 208 11.15 -2.66 9.08
CA ILE A 208 10.74 -3.85 8.38
C ILE A 208 10.56 -4.96 9.39
N LEU A 209 11.55 -5.11 10.26
CA LEU A 209 11.53 -6.14 11.27
C LEU A 209 10.41 -6.03 12.29
N SER A 210 9.93 -4.82 12.53
CA SER A 210 8.87 -4.64 13.51
C SER A 210 7.48 -4.65 12.89
N THR A 211 7.39 -4.42 11.59
CA THR A 211 6.12 -4.39 10.89
C THR A 211 5.26 -5.60 11.23
N GLU A 212 4.00 -5.35 11.53
CA GLU A 212 3.06 -6.40 11.88
C GLU A 212 2.60 -7.09 10.61
N GLY A 213 2.82 -8.39 10.53
CA GLY A 213 2.40 -9.12 9.36
C GLY A 213 3.49 -9.94 8.69
N ILE A 214 4.69 -9.38 8.57
CA ILE A 214 5.79 -10.10 7.95
C ILE A 214 5.92 -11.47 8.62
N LYS A 215 6.19 -12.48 7.80
CA LYS A 215 6.31 -13.85 8.28
C LYS A 215 7.71 -14.10 8.80
N LYS A 216 7.81 -14.91 9.85
CA LYS A 216 9.11 -15.23 10.42
C LYS A 216 9.36 -16.73 10.42
N MET A 217 10.55 -17.12 9.96
CA MET A 217 10.94 -18.52 9.89
C MET A 217 12.28 -18.76 10.56
N LYS A 218 12.57 -20.01 10.85
CA LYS A 218 13.81 -20.37 11.53
C LYS A 218 15.06 -20.31 10.67
N LEU A 219 15.99 -19.45 11.06
CA LEU A 219 17.25 -19.30 10.35
C LEU A 219 18.25 -20.27 10.94
N SER A 220 18.78 -21.16 10.11
CA SER A 220 19.75 -22.15 10.58
C SER A 220 21.17 -21.60 10.66
N SER A 221 22.14 -22.51 10.65
CA SER A 221 23.56 -22.16 10.77
C SER A 221 24.27 -21.75 9.49
N TRP A 222 23.89 -22.39 8.39
CA TRP A 222 24.48 -22.09 7.10
C TRP A 222 25.91 -22.63 6.95
N ASP A 223 26.14 -23.82 7.49
CA ASP A 223 27.45 -24.42 7.39
C ASP A 223 27.48 -25.38 6.21
N ASN A 224 26.30 -25.83 5.81
CA ASN A 224 26.18 -26.73 4.67
C ASN A 224 25.41 -25.96 3.64
N PRO A 225 26.06 -25.53 2.57
CA PRO A 225 25.35 -24.77 1.54
C PRO A 225 23.92 -25.28 1.43
N GLU A 226 23.79 -26.59 1.34
CA GLU A 226 22.49 -27.25 1.22
C GLU A 226 21.52 -26.64 2.21
N GLU A 227 21.96 -26.57 3.45
CA GLU A 227 21.19 -26.03 4.55
C GLU A 227 20.78 -24.59 4.32
N ALA A 228 21.73 -23.75 3.96
CA ALA A 228 21.44 -22.34 3.73
C ALA A 228 20.54 -22.20 2.52
N LEU A 229 20.93 -22.82 1.42
CA LEU A 229 20.13 -22.74 0.21
C LEU A 229 18.70 -23.14 0.53
N ASN A 230 18.55 -24.03 1.49
CA ASN A 230 17.23 -24.48 1.88
C ASN A 230 16.46 -23.35 2.55
N ASP A 231 16.98 -22.87 3.67
CA ASP A 231 16.33 -21.78 4.38
C ASP A 231 15.85 -20.72 3.40
N LEU A 232 16.75 -20.29 2.51
CA LEU A 232 16.43 -19.28 1.53
C LEU A 232 15.31 -19.72 0.61
N MET A 233 15.43 -20.91 0.04
CA MET A 233 14.40 -21.41 -0.86
C MET A 233 13.04 -21.50 -0.18
N ASN A 234 13.02 -21.80 1.11
CA ASN A 234 11.77 -21.92 1.83
C ASN A 234 11.19 -20.55 2.08
N ALA A 235 12.02 -19.66 2.59
CA ALA A 235 11.57 -18.31 2.85
C ALA A 235 11.01 -17.76 1.55
N LEU A 236 11.78 -17.95 0.48
CA LEU A 236 11.38 -17.47 -0.81
C LEU A 236 10.01 -17.94 -1.24
N GLN A 237 9.69 -19.19 -0.98
CA GLN A 237 8.38 -19.69 -1.37
C GLN A 237 7.31 -18.97 -0.57
N GLU A 238 7.37 -19.12 0.74
CA GLU A 238 6.41 -18.49 1.62
C GLU A 238 6.12 -17.07 1.18
N ALA A 239 7.17 -16.33 0.81
CA ALA A 239 6.99 -14.96 0.39
C ALA A 239 6.35 -14.83 -0.95
N SER A 240 6.72 -15.69 -1.90
CA SER A 240 6.18 -15.63 -3.25
C SER A 240 4.67 -15.76 -3.28
N ASN A 241 4.12 -16.37 -2.25
CA ASN A 241 2.68 -16.55 -2.15
C ASN A 241 1.96 -15.22 -2.11
N ALA A 242 2.67 -14.18 -1.66
CA ALA A 242 2.10 -12.85 -1.56
C ALA A 242 2.26 -12.02 -2.82
N SER A 243 3.48 -11.95 -3.34
CA SER A 243 3.74 -11.18 -4.56
C SER A 243 4.73 -11.88 -5.44
N ALA A 244 4.47 -11.89 -6.73
CA ALA A 244 5.39 -12.55 -7.64
C ALA A 244 6.62 -11.68 -7.89
N GLY A 245 6.47 -10.38 -7.67
CA GLY A 245 7.53 -9.40 -7.88
C GLY A 245 8.90 -9.93 -7.54
N PRO A 246 9.95 -9.61 -8.33
CA PRO A 246 11.33 -10.06 -8.12
C PRO A 246 11.72 -10.08 -6.65
N PHE A 247 12.42 -11.13 -6.23
CA PHE A 247 12.81 -11.21 -4.84
C PHE A 247 14.26 -10.97 -4.54
N GLY A 248 14.51 -10.31 -3.42
CA GLY A 248 15.88 -10.04 -3.03
C GLY A 248 16.02 -10.32 -1.55
N LEU A 249 17.26 -10.42 -1.09
CA LEU A 249 17.48 -10.63 0.33
C LEU A 249 18.50 -9.66 0.85
N ILE A 250 18.36 -9.32 2.14
CA ILE A 250 19.24 -8.41 2.83
C ILE A 250 19.97 -9.27 3.85
N ILE A 251 21.30 -9.31 3.78
CA ILE A 251 22.07 -10.12 4.73
C ILE A 251 23.35 -9.44 5.17
N ASN A 252 23.87 -9.88 6.31
CA ASN A 252 25.10 -9.32 6.85
C ASN A 252 26.33 -10.06 6.29
N PRO A 253 27.43 -9.33 6.06
CA PRO A 253 28.68 -9.89 5.53
C PRO A 253 29.02 -11.27 6.06
N LYS A 254 28.92 -11.44 7.37
CA LYS A 254 29.25 -12.73 7.98
C LYS A 254 28.46 -13.87 7.34
N ARG A 255 27.21 -13.61 6.96
CA ARG A 255 26.38 -14.62 6.32
C ARG A 255 26.75 -14.69 4.85
N TYR A 256 26.89 -13.52 4.25
CA TYR A 256 27.24 -13.44 2.86
C TYR A 256 28.42 -14.34 2.59
N ALA A 257 29.38 -14.33 3.50
CA ALA A 257 30.57 -15.15 3.37
C ALA A 257 30.22 -16.64 3.27
N LYS A 258 29.26 -17.07 4.07
CA LYS A 258 28.85 -18.47 4.07
C LYS A 258 28.29 -18.89 2.73
N LEU A 259 28.06 -17.92 1.86
CA LEU A 259 27.52 -18.23 0.56
C LEU A 259 28.64 -18.29 -0.47
N LEU A 260 29.81 -17.77 -0.11
CA LEU A 260 30.95 -17.76 -1.01
C LEU A 260 31.63 -19.12 -0.99
N LYS A 261 30.99 -20.11 -1.59
CA LYS A 261 31.52 -21.46 -1.64
C LYS A 261 31.20 -22.04 -3.01
N ILE A 262 32.06 -22.91 -3.51
CA ILE A 262 31.81 -23.52 -4.80
C ILE A 262 30.65 -24.49 -4.51
N TYR A 263 29.57 -24.38 -5.27
CA TYR A 263 28.42 -25.25 -5.04
C TYR A 263 28.46 -26.47 -5.95
N GLU A 264 28.50 -26.21 -7.25
CA GLU A 264 28.56 -27.27 -8.26
C GLU A 264 30.02 -27.60 -8.55
N LYS A 265 30.37 -28.89 -8.60
CA LYS A 265 31.75 -29.28 -8.89
C LYS A 265 32.30 -28.58 -10.11
N SER A 266 31.42 -27.93 -10.85
CA SER A 266 31.82 -27.20 -12.03
C SER A 266 32.65 -25.98 -11.62
N GLY A 267 32.09 -25.18 -10.72
CA GLY A 267 32.79 -24.00 -10.26
C GLY A 267 31.86 -22.86 -9.87
N LYS A 268 30.57 -23.00 -10.16
CA LYS A 268 29.64 -21.95 -9.81
C LYS A 268 29.51 -21.88 -8.29
N MET A 269 29.66 -20.68 -7.74
CA MET A 269 29.53 -20.49 -6.31
C MET A 269 28.08 -20.38 -5.88
N LEU A 270 27.78 -20.87 -4.69
CA LEU A 270 26.40 -20.82 -4.20
C LEU A 270 25.81 -19.44 -4.41
N VAL A 271 26.60 -18.39 -4.16
CA VAL A 271 26.11 -17.04 -4.32
C VAL A 271 25.62 -16.81 -5.73
N GLU A 272 26.42 -17.22 -6.71
CA GLU A 272 26.07 -17.06 -8.11
C GLU A 272 24.74 -17.74 -8.40
N VAL A 273 24.52 -18.91 -7.82
CA VAL A 273 23.25 -19.58 -8.06
C VAL A 273 22.15 -18.76 -7.43
N LEU A 274 22.33 -18.37 -6.18
CA LEU A 274 21.35 -17.57 -5.47
C LEU A 274 21.01 -16.29 -6.21
N LYS A 275 22.02 -15.67 -6.82
CA LYS A 275 21.79 -14.43 -7.56
C LYS A 275 20.85 -14.63 -8.73
N GLU A 276 20.81 -15.84 -9.28
CA GLU A 276 19.94 -16.15 -10.40
C GLU A 276 18.53 -16.37 -9.91
N ILE A 277 18.40 -16.76 -8.65
CA ILE A 277 17.10 -17.00 -8.06
C ILE A 277 16.48 -15.74 -7.48
N PHE A 278 17.29 -14.97 -6.75
CA PHE A 278 16.80 -13.73 -6.16
C PHE A 278 17.11 -12.55 -7.06
N ARG A 279 16.30 -12.36 -8.08
CA ARG A 279 16.53 -11.26 -9.00
C ARG A 279 16.39 -9.90 -8.36
N GLY A 280 15.76 -9.87 -7.18
CA GLY A 280 15.56 -8.62 -6.48
C GLY A 280 16.87 -8.07 -5.96
N GLY A 281 17.86 -8.96 -5.95
CA GLY A 281 19.19 -8.58 -5.51
C GLY A 281 19.60 -9.06 -4.12
N ILE A 282 20.90 -9.20 -3.95
CA ILE A 282 21.41 -9.60 -2.66
C ILE A 282 22.04 -8.35 -2.04
N ILE A 283 21.34 -7.74 -1.10
CA ILE A 283 21.81 -6.53 -0.44
C ILE A 283 22.67 -6.94 0.73
N VAL A 284 23.95 -6.62 0.69
CA VAL A 284 24.77 -6.98 1.84
C VAL A 284 25.02 -5.71 2.62
N THR A 285 24.58 -5.68 3.86
CA THR A 285 24.78 -4.51 4.69
C THR A 285 25.22 -4.90 6.07
N LEU A 286 26.05 -4.05 6.67
CA LEU A 286 26.54 -4.32 8.01
C LEU A 286 25.55 -3.88 9.04
N ASN A 287 24.50 -3.22 8.57
CA ASN A 287 23.50 -2.70 9.46
C ASN A 287 22.41 -3.64 9.86
N ILE A 288 22.51 -4.89 9.44
CA ILE A 288 21.51 -5.86 9.84
C ILE A 288 22.21 -6.93 10.66
N ASP A 289 21.66 -7.23 11.82
CA ASP A 289 22.26 -8.24 12.69
C ASP A 289 22.76 -9.45 11.91
N GLU A 290 23.96 -9.91 12.23
CA GLU A 290 24.51 -11.05 11.52
C GLU A 290 23.60 -12.26 11.52
N ASN A 291 22.68 -12.35 12.47
CA ASN A 291 21.81 -13.50 12.51
C ASN A 291 20.34 -13.26 12.23
N LYS A 292 20.11 -12.48 11.18
CA LYS A 292 18.78 -12.17 10.70
C LYS A 292 18.89 -11.93 9.21
N VAL A 293 17.99 -12.54 8.46
CA VAL A 293 18.00 -12.40 7.02
C VAL A 293 16.62 -12.01 6.53
N ILE A 294 16.55 -10.99 5.69
CA ILE A 294 15.28 -10.53 5.17
C ILE A 294 15.09 -11.01 3.74
N ILE A 295 13.95 -11.64 3.45
CA ILE A 295 13.65 -12.08 2.10
C ILE A 295 12.48 -11.21 1.71
N PHE A 296 12.52 -10.57 0.56
CA PHE A 296 11.39 -9.71 0.24
C PHE A 296 11.13 -9.46 -1.23
N ALA A 297 9.88 -9.11 -1.53
CA ALA A 297 9.51 -8.80 -2.89
C ALA A 297 10.01 -7.37 -3.13
N ASN A 298 10.97 -7.22 -4.04
CA ASN A 298 11.49 -5.89 -4.32
C ASN A 298 10.59 -5.18 -5.31
N THR A 299 9.37 -4.88 -4.89
CA THR A 299 8.42 -4.22 -5.78
C THR A 299 7.68 -3.15 -5.03
N PRO A 300 7.57 -1.97 -5.63
CA PRO A 300 6.87 -0.86 -4.99
C PRO A 300 5.46 -1.26 -4.60
N ALA A 301 4.99 -2.38 -5.13
CA ALA A 301 3.65 -2.83 -4.82
C ALA A 301 3.65 -3.56 -3.47
N VAL A 302 4.80 -3.56 -2.82
CA VAL A 302 4.94 -4.22 -1.52
C VAL A 302 5.90 -3.46 -0.61
N LEU A 303 6.97 -2.92 -1.19
CA LEU A 303 7.96 -2.20 -0.42
C LEU A 303 8.14 -0.80 -0.98
N ASP A 304 8.24 0.18 -0.11
CA ASP A 304 8.35 1.54 -0.60
C ASP A 304 9.12 2.44 0.37
N VAL A 305 10.22 3.04 -0.09
CA VAL A 305 10.96 3.95 0.79
C VAL A 305 10.50 5.36 0.48
N VAL A 306 9.67 5.92 1.35
CA VAL A 306 9.12 7.27 1.17
C VAL A 306 10.13 8.33 1.57
N VAL A 307 10.43 9.20 0.62
CA VAL A 307 11.40 10.25 0.87
C VAL A 307 10.76 11.62 1.00
N GLY A 308 10.70 12.11 2.22
CA GLY A 308 10.11 13.42 2.48
C GLY A 308 11.04 14.56 2.12
N GLN A 309 12.30 14.44 2.54
CA GLN A 309 13.32 15.44 2.26
C GLN A 309 14.61 14.72 1.96
N ASP A 310 15.30 15.16 0.91
CA ASP A 310 16.56 14.53 0.55
C ASP A 310 17.62 14.76 1.61
N VAL A 311 18.87 14.47 1.25
CA VAL A 311 19.95 14.70 2.18
C VAL A 311 20.42 16.10 1.86
N THR A 312 20.46 16.94 2.89
CA THR A 312 20.88 18.32 2.69
C THR A 312 21.83 18.83 3.75
N LEU A 313 22.75 19.68 3.31
CA LEU A 313 23.73 20.28 4.19
C LEU A 313 23.28 21.69 4.46
N GLN A 314 23.11 21.99 5.73
CA GLN A 314 22.69 23.32 6.12
C GLN A 314 23.71 23.89 7.06
N GLU A 315 24.11 25.13 6.80
CA GLU A 315 25.09 25.79 7.63
C GLU A 315 24.38 26.54 8.73
N LEU A 316 24.24 25.89 9.90
CA LEU A 316 23.60 26.53 11.02
C LEU A 316 24.32 27.84 11.27
N GLY A 317 25.42 27.78 12.01
CA GLY A 317 26.18 28.99 12.26
C GLY A 317 27.08 29.03 13.49
N PRO A 318 28.04 29.97 13.50
CA PRO A 318 29.02 30.19 14.57
C PRO A 318 28.54 29.87 15.98
N GLU A 319 28.74 28.64 16.44
CA GLU A 319 28.32 28.27 17.79
C GLU A 319 29.51 27.92 18.66
N GLY A 320 30.35 28.92 18.93
CA GLY A 320 31.53 28.69 19.74
C GLY A 320 32.75 29.15 18.96
N ASP A 321 33.79 28.31 18.94
CA ASP A 321 35.00 28.65 18.21
C ASP A 321 34.94 28.11 16.79
N ASP A 322 33.80 27.50 16.45
CA ASP A 322 33.58 26.90 15.15
C ASP A 322 32.16 27.07 14.62
N VAL A 323 31.98 26.78 13.34
CA VAL A 323 30.68 26.87 12.71
C VAL A 323 29.98 25.53 12.86
N ALA A 324 28.67 25.57 13.04
CA ALA A 324 27.89 24.35 13.18
C ALA A 324 27.24 24.04 11.83
N PHE A 325 27.10 22.75 11.53
CA PHE A 325 26.48 22.34 10.28
C PHE A 325 25.44 21.27 10.53
N LEU A 326 24.45 21.20 9.66
CA LEU A 326 23.39 20.22 9.82
C LEU A 326 23.10 19.37 8.60
N VAL A 327 23.31 18.06 8.75
CA VAL A 327 23.03 17.12 7.68
C VAL A 327 21.73 16.47 8.10
N SER A 328 20.74 16.49 7.21
CA SER A 328 19.44 15.92 7.54
C SER A 328 18.67 15.38 6.34
N GLU A 329 17.75 14.47 6.61
CA GLU A 329 16.91 13.89 5.58
C GLU A 329 15.63 13.30 6.17
N ALA A 330 14.54 13.38 5.40
CA ALA A 330 13.26 12.84 5.82
C ALA A 330 13.10 11.52 5.11
N ILE A 331 12.91 10.45 5.86
CA ILE A 331 12.82 9.16 5.24
C ILE A 331 12.03 8.18 6.07
N GLY A 332 11.37 7.25 5.38
CA GLY A 332 10.61 6.23 6.07
C GLY A 332 10.18 5.19 5.05
N ILE A 333 9.91 3.97 5.50
CA ILE A 333 9.46 2.93 4.59
C ILE A 333 8.05 2.52 4.95
N ARG A 334 7.33 2.08 3.93
CA ARG A 334 5.99 1.61 4.12
C ARG A 334 5.92 0.22 3.55
N ILE A 335 5.36 -0.68 4.35
CA ILE A 335 5.22 -2.05 3.93
C ILE A 335 3.77 -2.21 3.51
N LYS A 336 3.53 -2.19 2.20
CA LYS A 336 2.18 -2.35 1.70
C LYS A 336 1.75 -3.80 1.79
N ASN A 337 2.69 -4.72 1.74
CA ASN A 337 2.35 -6.13 1.75
C ASN A 337 3.24 -6.97 2.63
N PRO A 338 3.08 -6.88 3.94
CA PRO A 338 3.90 -7.64 4.88
C PRO A 338 4.06 -9.09 4.45
N GLU A 339 2.94 -9.68 4.08
CA GLU A 339 2.90 -11.07 3.63
C GLU A 339 4.04 -11.43 2.68
N ALA A 340 4.52 -10.45 1.92
CA ALA A 340 5.58 -10.67 0.94
C ALA A 340 6.99 -10.46 1.48
N ILE A 341 7.13 -10.53 2.80
CA ILE A 341 8.43 -10.37 3.41
C ILE A 341 8.63 -11.49 4.42
N VAL A 342 9.79 -12.11 4.41
CA VAL A 342 10.03 -13.17 5.36
C VAL A 342 11.31 -12.85 6.11
N VAL A 343 11.31 -13.09 7.41
CA VAL A 343 12.49 -12.84 8.19
C VAL A 343 13.01 -14.13 8.77
N LEU A 344 14.29 -14.39 8.57
CA LEU A 344 14.88 -15.60 9.10
C LEU A 344 15.59 -15.22 10.38
N GLU A 345 14.98 -15.51 11.52
CA GLU A 345 15.55 -15.21 12.83
C GLU A 345 16.10 -16.47 13.50
N VAL B 110 -8.94 11.15 -16.90
CA VAL B 110 -8.96 9.75 -17.41
C VAL B 110 -7.54 9.16 -17.45
N GLU B 111 -6.69 9.59 -16.52
CA GLU B 111 -5.33 9.08 -16.46
C GLU B 111 -5.26 7.92 -15.47
N TYR B 112 -6.00 8.04 -14.37
CA TYR B 112 -6.01 6.99 -13.36
C TYR B 112 -6.39 5.64 -13.96
N PHE B 113 -6.93 5.65 -15.17
CA PHE B 113 -7.29 4.40 -15.80
C PHE B 113 -6.06 3.80 -16.43
N GLU B 114 -5.61 4.44 -17.50
CA GLU B 114 -4.43 3.99 -18.21
C GLU B 114 -3.31 3.58 -17.27
N LYS B 115 -3.31 4.14 -16.06
CA LYS B 115 -2.29 3.79 -15.09
C LYS B 115 -2.64 2.48 -14.43
N LEU B 116 -3.89 2.34 -14.00
CA LEU B 116 -4.30 1.11 -13.38
C LEU B 116 -4.13 -0.04 -14.33
N ARG B 117 -4.58 0.13 -15.57
CA ARG B 117 -4.48 -0.95 -16.54
C ARG B 117 -3.04 -1.40 -16.69
N SER B 118 -2.11 -0.45 -16.75
CA SER B 118 -0.71 -0.80 -16.88
C SER B 118 -0.24 -1.59 -15.69
N ALA B 119 -0.58 -1.12 -14.50
CA ALA B 119 -0.18 -1.83 -13.29
C ALA B 119 -0.77 -3.22 -13.32
N LEU B 120 -1.99 -3.32 -13.84
CA LEU B 120 -2.68 -4.60 -13.96
C LEU B 120 -1.88 -5.48 -14.90
N LEU B 121 -1.91 -5.12 -16.17
CA LEU B 121 -1.19 -5.87 -17.18
C LEU B 121 0.19 -6.30 -16.76
N ASP B 122 0.93 -5.42 -16.11
CA ASP B 122 2.26 -5.78 -15.68
C ASP B 122 2.19 -6.89 -14.64
N GLY B 123 1.60 -6.59 -13.49
CA GLY B 123 1.47 -7.60 -12.45
C GLY B 123 0.97 -8.92 -12.99
N VAL B 124 0.08 -8.88 -13.97
CA VAL B 124 -0.46 -10.09 -14.58
C VAL B 124 0.67 -10.81 -15.25
N ASN B 125 1.37 -10.10 -16.11
CA ASN B 125 2.49 -10.66 -16.84
C ASN B 125 3.58 -11.21 -15.91
N LYS B 126 4.09 -10.39 -15.01
CA LYS B 126 5.14 -10.86 -14.12
C LYS B 126 4.73 -12.07 -13.29
N GLY B 127 3.44 -12.41 -13.29
CA GLY B 127 2.99 -13.55 -12.51
C GLY B 127 2.71 -14.80 -13.31
N ARG B 128 2.41 -14.64 -14.61
CA ARG B 128 2.13 -15.79 -15.46
C ARG B 128 3.36 -16.69 -15.58
N SER B 129 3.09 -17.99 -15.61
CA SER B 129 4.13 -18.99 -15.76
C SER B 129 3.70 -19.94 -16.87
N LEU B 130 2.60 -20.66 -16.65
CA LEU B 130 2.07 -21.61 -17.63
C LEU B 130 1.84 -20.97 -18.98
N LEU B 131 1.05 -19.92 -18.99
CA LEU B 131 0.72 -19.27 -20.23
C LEU B 131 1.92 -18.73 -21.01
N LYS B 132 3.11 -18.76 -20.41
CA LYS B 132 4.28 -18.27 -21.11
C LYS B 132 4.97 -19.38 -21.87
N HIS B 133 4.74 -20.62 -21.45
CA HIS B 133 5.39 -21.76 -22.09
C HIS B 133 4.49 -22.67 -22.92
N LEU B 134 3.27 -22.93 -22.47
CA LEU B 134 2.39 -23.78 -23.25
C LEU B 134 2.06 -23.02 -24.52
N PRO B 135 1.68 -23.74 -25.58
CA PRO B 135 1.35 -23.04 -26.82
C PRO B 135 -0.06 -22.44 -26.75
N VAL B 136 -0.20 -21.22 -27.25
CA VAL B 136 -1.51 -20.58 -27.22
C VAL B 136 -2.07 -20.27 -28.59
N THR B 137 -3.40 -20.36 -28.68
CA THR B 137 -4.12 -20.11 -29.91
C THR B 137 -5.20 -19.09 -29.66
N ARG B 138 -5.18 -18.02 -30.45
CA ARG B 138 -6.16 -16.95 -30.34
C ARG B 138 -7.42 -17.40 -31.06
N ILE B 139 -8.44 -17.77 -30.31
CA ILE B 139 -9.69 -18.22 -30.92
C ILE B 139 -10.59 -17.02 -31.15
N GLU B 140 -11.84 -17.27 -31.53
CA GLU B 140 -12.78 -16.19 -31.80
C GLU B 140 -14.02 -16.17 -30.90
N GLY B 141 -14.75 -17.28 -30.86
CA GLY B 141 -15.97 -17.33 -30.07
C GLY B 141 -15.86 -17.45 -28.56
N GLN B 142 -16.79 -18.21 -28.00
CA GLN B 142 -16.86 -18.45 -26.57
C GLN B 142 -16.68 -19.93 -26.32
N SER B 143 -16.34 -20.66 -27.37
CA SER B 143 -16.14 -22.11 -27.27
C SER B 143 -15.27 -22.61 -28.41
N PHE B 144 -14.64 -23.76 -28.21
CA PHE B 144 -13.78 -24.34 -29.23
C PHE B 144 -14.04 -25.83 -29.33
N ARG B 145 -13.54 -26.46 -30.39
CA ARG B 145 -13.73 -27.88 -30.59
C ARG B 145 -12.43 -28.65 -30.45
N VAL B 146 -12.46 -29.75 -29.72
CA VAL B 146 -11.24 -30.54 -29.56
C VAL B 146 -11.30 -31.79 -30.41
N ASP B 147 -10.49 -31.85 -31.45
CA ASP B 147 -10.48 -33.05 -32.27
C ASP B 147 -9.44 -33.96 -31.65
N ILE B 148 -9.87 -34.92 -30.83
CA ILE B 148 -8.93 -35.84 -30.21
C ILE B 148 -8.36 -36.83 -31.20
N ILE B 149 -7.08 -36.71 -31.48
CA ILE B 149 -6.40 -37.59 -32.44
C ILE B 149 -5.77 -38.83 -31.82
N LYS B 150 -5.95 -39.98 -32.47
CA LYS B 150 -5.38 -41.22 -31.97
C LYS B 150 -5.10 -42.17 -33.13
N PHE B 151 -4.44 -43.28 -32.84
CA PHE B 151 -4.12 -44.23 -33.89
C PHE B 151 -4.93 -45.52 -33.78
N GLU B 152 -5.82 -45.71 -34.75
CA GLU B 152 -6.68 -46.89 -34.83
C GLU B 152 -6.82 -47.21 -36.31
N ASP B 153 -6.00 -48.15 -36.79
CA ASP B 153 -6.01 -48.51 -38.19
C ASP B 153 -5.74 -47.21 -38.96
N GLY B 154 -4.84 -46.40 -38.41
CA GLY B 154 -4.50 -45.14 -39.02
C GLY B 154 -4.66 -43.98 -38.07
N VAL B 155 -3.99 -42.89 -38.36
CA VAL B 155 -4.11 -41.72 -37.51
C VAL B 155 -5.41 -41.09 -37.92
N ARG B 156 -6.32 -40.94 -36.97
CA ARG B 156 -7.61 -40.33 -37.27
C ARG B 156 -8.27 -39.76 -36.02
N VAL B 157 -9.23 -38.86 -36.23
CA VAL B 157 -9.94 -38.24 -35.12
C VAL B 157 -10.87 -39.24 -34.48
N VAL B 158 -10.52 -39.71 -33.29
CA VAL B 158 -11.33 -40.69 -32.61
C VAL B 158 -12.58 -40.13 -31.96
N LYS B 159 -12.48 -38.92 -31.43
CA LYS B 159 -13.63 -38.31 -30.75
C LYS B 159 -13.61 -36.80 -30.88
N GLN B 160 -14.76 -36.23 -31.24
CA GLN B 160 -14.87 -34.80 -31.37
C GLN B 160 -15.53 -34.31 -30.09
N GLU B 161 -15.38 -33.04 -29.76
CA GLU B 161 -15.95 -32.52 -28.52
C GLU B 161 -15.91 -30.99 -28.49
N TYR B 162 -17.03 -30.37 -28.13
CA TYR B 162 -17.09 -28.91 -28.06
C TYR B 162 -16.98 -28.49 -26.60
N LYS B 163 -16.06 -27.55 -26.37
CA LYS B 163 -15.80 -27.02 -25.05
C LYS B 163 -16.07 -25.52 -25.05
N PRO B 164 -16.68 -25.04 -23.98
CA PRO B 164 -17.02 -23.62 -23.81
C PRO B 164 -15.88 -22.95 -23.04
N ILE B 165 -15.52 -21.75 -23.45
CA ILE B 165 -14.45 -21.01 -22.78
C ILE B 165 -15.08 -20.13 -21.72
N PRO B 166 -14.94 -20.51 -20.44
CA PRO B 166 -15.51 -19.72 -19.36
C PRO B 166 -14.79 -18.39 -19.19
N LEU B 167 -15.49 -17.45 -18.55
CA LEU B 167 -14.93 -16.13 -18.33
C LEU B 167 -14.32 -16.02 -16.94
N LEU B 168 -13.05 -15.62 -16.91
CA LEU B 168 -12.34 -15.44 -15.66
C LEU B 168 -12.46 -14.00 -15.23
N LYS B 169 -13.02 -13.80 -14.04
CA LYS B 169 -13.23 -12.47 -13.51
C LYS B 169 -12.46 -12.26 -12.23
N LYS B 170 -12.08 -11.02 -12.00
CA LYS B 170 -11.39 -10.59 -10.79
C LYS B 170 -11.64 -9.09 -10.75
N LYS B 171 -12.25 -8.63 -9.66
CA LYS B 171 -12.56 -7.21 -9.56
C LYS B 171 -11.95 -6.51 -8.36
N PHE B 172 -11.50 -5.28 -8.59
CA PHE B 172 -10.90 -4.51 -7.53
C PHE B 172 -11.59 -3.18 -7.41
N TYR B 173 -11.50 -2.59 -6.22
CA TYR B 173 -12.11 -1.30 -5.96
C TYR B 173 -11.14 -0.23 -5.47
N VAL B 174 -11.09 0.89 -6.18
CA VAL B 174 -10.22 2.00 -5.82
C VAL B 174 -11.08 3.07 -5.20
N GLY B 175 -10.71 3.52 -3.99
CA GLY B 175 -11.49 4.57 -3.33
C GLY B 175 -11.73 5.79 -4.22
N ILE B 176 -12.82 6.50 -4.00
CA ILE B 176 -13.09 7.66 -4.84
C ILE B 176 -12.24 8.81 -4.38
N ARG B 177 -12.21 9.02 -3.06
CA ARG B 177 -11.43 10.10 -2.49
C ARG B 177 -10.05 10.06 -3.14
N GLU B 178 -9.34 8.96 -2.89
CA GLU B 178 -8.01 8.76 -3.41
C GLU B 178 -7.95 8.86 -4.91
N LEU B 179 -9.05 8.51 -5.56
CA LEU B 179 -9.07 8.56 -7.01
C LEU B 179 -9.06 10.01 -7.47
N ASN B 180 -9.63 10.88 -6.66
CA ASN B 180 -9.68 12.30 -7.02
C ASN B 180 -8.42 13.06 -6.67
N ASP B 181 -7.92 12.90 -5.46
CA ASP B 181 -6.70 13.61 -5.07
C ASP B 181 -5.43 12.96 -5.63
N GLY B 182 -5.60 11.93 -6.44
CA GLY B 182 -4.46 11.27 -7.05
C GLY B 182 -3.56 10.44 -6.16
N THR B 183 -4.03 10.09 -4.97
CA THR B 183 -3.21 9.30 -4.08
C THR B 183 -3.62 7.84 -4.11
N TYR B 184 -4.23 7.39 -5.20
CA TYR B 184 -4.66 6.00 -5.30
C TYR B 184 -3.44 5.13 -5.50
N ASP B 185 -3.51 3.90 -4.98
CA ASP B 185 -2.39 2.97 -5.10
C ASP B 185 -2.55 2.01 -6.28
N VAL B 186 -1.84 2.28 -7.37
CA VAL B 186 -1.92 1.45 -8.54
C VAL B 186 -1.64 -0.01 -8.24
N SER B 187 -0.99 -0.27 -7.12
CA SER B 187 -0.66 -1.64 -6.77
C SER B 187 -1.89 -2.55 -6.61
N ILE B 188 -3.07 -1.97 -6.44
CA ILE B 188 -4.25 -2.81 -6.29
C ILE B 188 -4.42 -3.53 -7.60
N ALA B 189 -4.34 -2.78 -8.70
CA ALA B 189 -4.48 -3.37 -10.03
C ALA B 189 -3.48 -4.50 -10.16
N THR B 190 -2.28 -4.28 -9.65
CA THR B 190 -1.26 -5.30 -9.73
C THR B 190 -1.72 -6.56 -9.02
N LYS B 191 -2.03 -6.44 -7.74
CA LYS B 191 -2.49 -7.58 -6.96
C LYS B 191 -3.66 -8.23 -7.67
N ALA B 192 -4.52 -7.42 -8.26
CA ALA B 192 -5.67 -7.92 -8.97
C ALA B 192 -5.25 -8.92 -10.03
N GLY B 193 -4.57 -8.44 -11.06
CA GLY B 193 -4.14 -9.33 -12.13
C GLY B 193 -3.26 -10.47 -11.64
N GLU B 194 -2.43 -10.16 -10.65
CA GLU B 194 -1.53 -11.14 -10.07
C GLU B 194 -2.39 -12.31 -9.61
N LEU B 195 -3.56 -11.97 -9.09
CA LEU B 195 -4.51 -12.95 -8.60
C LEU B 195 -5.25 -13.63 -9.72
N LEU B 196 -5.55 -12.87 -10.76
CA LEU B 196 -6.26 -13.40 -11.91
C LEU B 196 -5.55 -14.63 -12.40
N VAL B 197 -4.25 -14.51 -12.66
CA VAL B 197 -3.50 -15.64 -13.16
C VAL B 197 -3.57 -16.84 -12.24
N LYS B 198 -3.46 -16.61 -10.94
CA LYS B 198 -3.53 -17.72 -10.02
C LYS B 198 -4.74 -18.60 -10.31
N ASP B 199 -5.80 -17.99 -10.82
CA ASP B 199 -6.99 -18.76 -11.13
C ASP B 199 -6.81 -19.31 -12.53
N GLU B 200 -6.34 -18.44 -13.41
CA GLU B 200 -6.09 -18.81 -14.78
C GLU B 200 -5.19 -20.04 -14.87
N GLU B 201 -4.10 -20.05 -14.12
CA GLU B 201 -3.19 -21.19 -14.15
C GLU B 201 -3.88 -22.37 -13.50
N SER B 202 -4.39 -22.12 -12.30
CA SER B 202 -5.07 -23.16 -11.56
C SER B 202 -6.10 -23.85 -12.42
N LEU B 203 -6.81 -23.08 -13.24
CA LEU B 203 -7.82 -23.65 -14.12
C LEU B 203 -7.13 -24.65 -15.03
N VAL B 204 -6.30 -24.15 -15.94
CA VAL B 204 -5.57 -24.99 -16.86
C VAL B 204 -5.02 -26.24 -16.21
N ILE B 205 -4.35 -26.10 -15.07
CA ILE B 205 -3.81 -27.27 -14.40
C ILE B 205 -4.89 -28.26 -14.03
N ARG B 206 -5.92 -27.78 -13.33
CA ARG B 206 -7.01 -28.65 -12.91
C ARG B 206 -7.68 -29.30 -14.09
N GLU B 207 -7.77 -28.60 -15.20
CA GLU B 207 -8.42 -29.15 -16.38
C GLU B 207 -7.56 -30.22 -17.03
N ILE B 208 -6.25 -30.06 -17.01
CA ILE B 208 -5.39 -31.08 -17.59
C ILE B 208 -5.54 -32.33 -16.75
N LEU B 209 -5.24 -32.19 -15.47
CA LEU B 209 -5.33 -33.29 -14.52
C LEU B 209 -6.64 -34.05 -14.58
N SER B 210 -7.70 -33.41 -15.03
CA SER B 210 -8.99 -34.08 -15.08
C SER B 210 -9.26 -34.72 -16.43
N THR B 211 -8.59 -34.24 -17.47
CA THR B 211 -8.78 -34.80 -18.81
C THR B 211 -8.56 -36.29 -18.76
N GLU B 212 -9.44 -37.06 -19.41
CA GLU B 212 -9.29 -38.50 -19.42
C GLU B 212 -8.46 -38.92 -20.61
N GLY B 213 -7.53 -39.83 -20.34
CA GLY B 213 -6.64 -40.31 -21.38
C GLY B 213 -5.21 -40.14 -20.91
N ILE B 214 -4.96 -39.10 -20.13
CA ILE B 214 -3.62 -38.85 -19.61
C ILE B 214 -3.22 -40.03 -18.76
N LYS B 215 -1.93 -40.35 -18.80
CA LYS B 215 -1.38 -41.47 -18.06
C LYS B 215 -0.92 -41.00 -16.70
N LYS B 216 -0.98 -41.89 -15.72
CA LYS B 216 -0.56 -41.55 -14.37
C LYS B 216 0.44 -42.55 -13.82
N MET B 217 1.49 -42.05 -13.19
CA MET B 217 2.53 -42.89 -12.61
C MET B 217 2.79 -42.52 -11.16
N LYS B 218 3.48 -43.39 -10.45
CA LYS B 218 3.76 -43.14 -9.05
C LYS B 218 4.90 -42.16 -8.83
N LEU B 219 4.57 -41.08 -8.13
CA LEU B 219 5.53 -40.04 -7.81
C LEU B 219 6.11 -40.30 -6.44
N SER B 220 7.42 -40.49 -6.37
CA SER B 220 8.06 -40.75 -5.09
C SER B 220 8.54 -39.45 -4.44
N SER B 221 9.16 -39.58 -3.26
CA SER B 221 9.67 -38.42 -2.54
C SER B 221 11.02 -38.08 -3.15
N TRP B 222 11.19 -36.83 -3.54
CA TRP B 222 12.44 -36.44 -4.17
C TRP B 222 13.57 -36.11 -3.20
N ASP B 223 13.87 -37.05 -2.32
CA ASP B 223 14.92 -36.85 -1.35
C ASP B 223 16.26 -37.39 -1.86
N ASN B 224 16.20 -38.44 -2.68
CA ASN B 224 17.41 -39.04 -3.27
C ASN B 224 17.42 -38.69 -4.74
N PRO B 225 17.88 -37.48 -5.09
CA PRO B 225 17.93 -37.01 -6.47
C PRO B 225 17.81 -38.10 -7.50
N GLU B 226 18.53 -39.21 -7.29
CA GLU B 226 18.47 -40.29 -8.26
C GLU B 226 17.04 -40.77 -8.47
N GLU B 227 16.27 -40.90 -7.40
CA GLU B 227 14.88 -41.33 -7.57
C GLU B 227 14.16 -40.32 -8.44
N ALA B 228 14.29 -39.05 -8.08
CA ALA B 228 13.65 -38.00 -8.85
C ALA B 228 14.05 -38.11 -10.31
N LEU B 229 15.36 -38.11 -10.55
CA LEU B 229 15.85 -38.21 -11.91
C LEU B 229 15.20 -39.38 -12.63
N ASN B 230 14.92 -40.45 -11.90
CA ASN B 230 14.30 -41.60 -12.51
C ASN B 230 12.85 -41.32 -12.83
N ASP B 231 12.04 -41.08 -11.80
CA ASP B 231 10.64 -40.78 -11.99
C ASP B 231 10.48 -39.97 -13.26
N LEU B 232 11.22 -38.88 -13.34
CA LEU B 232 11.16 -38.01 -14.49
C LEU B 232 11.57 -38.72 -15.76
N MET B 233 12.69 -39.42 -15.73
CA MET B 233 13.16 -40.13 -16.91
C MET B 233 12.15 -41.17 -17.37
N ASN B 234 11.42 -41.74 -16.42
CA ASN B 234 10.42 -42.75 -16.73
C ASN B 234 9.18 -42.11 -17.29
N ALA B 235 8.78 -40.99 -16.71
CA ALA B 235 7.62 -40.29 -17.22
C ALA B 235 7.95 -39.90 -18.66
N LEU B 236 9.17 -39.45 -18.87
CA LEU B 236 9.63 -39.04 -20.19
C LEU B 236 9.34 -40.18 -21.14
N GLN B 237 9.77 -41.38 -20.77
CA GLN B 237 9.56 -42.55 -21.60
C GLN B 237 8.07 -42.67 -21.95
N GLU B 238 7.23 -42.78 -20.93
CA GLU B 238 5.81 -42.92 -21.14
C GLU B 238 5.22 -41.92 -22.13
N ALA B 239 5.50 -40.65 -21.92
CA ALA B 239 4.97 -39.65 -22.82
C ALA B 239 5.56 -39.83 -24.20
N SER B 240 6.81 -40.24 -24.25
CA SER B 240 7.48 -40.41 -25.54
C SER B 240 6.73 -41.35 -26.47
N ASN B 241 5.83 -42.15 -25.91
CA ASN B 241 5.07 -43.09 -26.73
C ASN B 241 4.04 -42.40 -27.60
N ALA B 242 3.39 -41.38 -27.04
CA ALA B 242 2.36 -40.62 -27.75
C ALA B 242 2.96 -39.57 -28.68
N SER B 243 3.88 -38.78 -28.17
CA SER B 243 4.52 -37.76 -29.00
C SER B 243 6.01 -37.93 -29.01
N ALA B 244 6.67 -36.97 -29.62
CA ALA B 244 8.11 -36.99 -29.73
C ALA B 244 8.55 -35.57 -29.48
N GLY B 245 7.62 -34.65 -29.73
CA GLY B 245 7.86 -33.23 -29.54
C GLY B 245 8.50 -32.96 -28.20
N PRO B 246 9.30 -31.90 -28.11
CA PRO B 246 10.02 -31.50 -26.87
C PRO B 246 9.20 -31.79 -25.62
N PHE B 247 9.85 -32.31 -24.59
CA PHE B 247 9.13 -32.62 -23.36
C PHE B 247 9.40 -31.61 -22.27
N GLY B 248 8.37 -31.19 -21.57
CA GLY B 248 8.55 -30.25 -20.49
C GLY B 248 7.82 -30.74 -19.26
N LEU B 249 7.88 -29.96 -18.19
CA LEU B 249 7.17 -30.35 -16.99
C LEU B 249 6.68 -29.19 -16.16
N ILE B 250 5.43 -29.31 -15.69
CA ILE B 250 4.81 -28.31 -14.83
C ILE B 250 5.18 -28.87 -13.47
N ILE B 251 5.66 -28.03 -12.56
CA ILE B 251 6.09 -28.52 -11.26
C ILE B 251 6.02 -27.44 -10.20
N ASN B 252 5.64 -27.82 -9.00
CA ASN B 252 5.52 -26.85 -7.92
C ASN B 252 6.88 -26.48 -7.35
N PRO B 253 7.07 -25.19 -7.01
CA PRO B 253 8.35 -24.73 -6.45
C PRO B 253 8.89 -25.62 -5.34
N LYS B 254 8.00 -26.14 -4.51
CA LYS B 254 8.45 -27.01 -3.43
C LYS B 254 9.22 -28.21 -3.97
N ARG B 255 8.81 -28.73 -5.12
CA ARG B 255 9.50 -29.88 -5.70
C ARG B 255 10.71 -29.37 -6.46
N TYR B 256 10.51 -28.29 -7.21
CA TYR B 256 11.59 -27.73 -7.99
C TYR B 256 12.81 -27.49 -7.14
N ALA B 257 12.60 -27.08 -5.89
CA ALA B 257 13.71 -26.83 -5.00
C ALA B 257 14.56 -28.07 -4.81
N LYS B 258 13.90 -29.21 -4.65
CA LYS B 258 14.62 -30.46 -4.45
C LYS B 258 15.55 -30.68 -5.63
N LEU B 259 15.19 -30.11 -6.77
CA LEU B 259 15.99 -30.27 -7.96
C LEU B 259 17.23 -29.39 -7.93
N LEU B 260 17.27 -28.42 -7.02
CA LEU B 260 18.43 -27.53 -6.93
C LEU B 260 19.56 -28.12 -6.12
N LYS B 261 19.28 -29.24 -5.44
CA LYS B 261 20.29 -29.92 -4.63
C LYS B 261 21.26 -30.55 -5.63
N ILE B 262 22.47 -30.88 -5.21
CA ILE B 262 23.40 -31.45 -6.18
C ILE B 262 23.32 -32.96 -6.28
N TYR B 263 23.10 -33.44 -7.49
CA TYR B 263 23.02 -34.86 -7.76
C TYR B 263 24.45 -35.35 -7.66
N GLU B 264 24.81 -35.79 -6.47
CA GLU B 264 26.16 -36.23 -6.18
C GLU B 264 26.92 -36.96 -7.27
N LYS B 265 26.33 -38.04 -7.79
CA LYS B 265 26.99 -38.80 -8.83
C LYS B 265 27.41 -37.99 -10.05
N SER B 266 26.80 -36.81 -10.24
CA SER B 266 27.12 -35.98 -11.40
C SER B 266 27.91 -34.74 -11.05
N GLY B 267 27.62 -34.17 -9.89
CA GLY B 267 28.33 -32.98 -9.48
C GLY B 267 27.68 -31.70 -9.96
N LYS B 268 26.43 -31.78 -10.40
CA LYS B 268 25.72 -30.59 -10.86
C LYS B 268 24.37 -30.65 -10.18
N MET B 269 23.66 -29.53 -10.16
CA MET B 269 22.35 -29.54 -9.55
C MET B 269 21.51 -30.41 -10.46
N LEU B 270 20.64 -31.22 -9.87
CA LEU B 270 19.82 -32.10 -10.68
C LEU B 270 19.20 -31.35 -11.85
N VAL B 271 18.65 -30.17 -11.58
CA VAL B 271 18.02 -29.37 -12.62
C VAL B 271 18.91 -29.27 -13.83
N GLU B 272 20.14 -28.86 -13.59
CA GLU B 272 21.09 -28.69 -14.67
C GLU B 272 21.20 -29.92 -15.58
N VAL B 273 20.87 -31.10 -15.05
CA VAL B 273 20.90 -32.32 -15.85
C VAL B 273 19.58 -32.48 -16.56
N LEU B 274 18.50 -32.26 -15.83
CA LEU B 274 17.16 -32.35 -16.36
C LEU B 274 16.94 -31.40 -17.51
N LYS B 275 17.70 -30.31 -17.55
CA LYS B 275 17.54 -29.34 -18.62
C LYS B 275 18.16 -29.84 -19.90
N GLU B 276 18.96 -30.90 -19.78
CA GLU B 276 19.60 -31.50 -20.94
C GLU B 276 18.57 -32.33 -21.67
N ILE B 277 17.71 -32.99 -20.90
CA ILE B 277 16.59 -33.77 -21.40
C ILE B 277 15.49 -32.74 -21.20
N PHE B 278 14.26 -32.98 -21.60
CA PHE B 278 13.23 -31.97 -21.35
C PHE B 278 13.46 -30.60 -21.96
N ARG B 279 13.58 -30.55 -23.27
CA ARG B 279 13.77 -29.28 -23.91
C ARG B 279 12.43 -28.55 -23.99
N GLY B 280 11.40 -29.18 -23.43
CA GLY B 280 10.06 -28.60 -23.44
C GLY B 280 9.94 -27.48 -22.43
N GLY B 281 10.89 -27.42 -21.53
CA GLY B 281 10.89 -26.40 -20.50
C GLY B 281 10.44 -26.88 -19.15
N ILE B 282 10.95 -26.22 -18.12
CA ILE B 282 10.58 -26.56 -16.77
C ILE B 282 9.67 -25.45 -16.25
N ILE B 283 8.36 -25.67 -16.35
CA ILE B 283 7.38 -24.68 -15.92
C ILE B 283 7.21 -24.78 -14.42
N VAL B 284 7.68 -23.80 -13.67
CA VAL B 284 7.50 -23.89 -12.25
C VAL B 284 6.38 -23.00 -11.80
N THR B 285 5.27 -23.60 -11.40
CA THR B 285 4.14 -22.79 -10.94
C THR B 285 3.76 -23.17 -9.54
N LEU B 286 3.14 -22.22 -8.85
CA LEU B 286 2.70 -22.43 -7.49
C LEU B 286 1.32 -23.04 -7.50
N ASN B 287 0.71 -23.03 -8.68
CA ASN B 287 -0.64 -23.52 -8.81
C ASN B 287 -0.82 -24.97 -9.20
N ILE B 288 -0.03 -25.84 -8.59
CA ILE B 288 -0.15 -27.26 -8.87
C ILE B 288 0.30 -27.97 -7.62
N ASP B 289 -0.62 -28.70 -7.01
CA ASP B 289 -0.35 -29.43 -5.79
C ASP B 289 1.13 -29.79 -5.65
N GLU B 290 1.72 -29.41 -4.52
CA GLU B 290 3.12 -29.69 -4.28
C GLU B 290 3.49 -31.09 -4.75
N ASN B 291 2.60 -32.04 -4.51
CA ASN B 291 2.88 -33.43 -4.87
C ASN B 291 2.21 -34.01 -6.10
N LYS B 292 2.34 -33.28 -7.20
CA LYS B 292 1.84 -33.70 -8.49
C LYS B 292 2.76 -33.06 -9.49
N VAL B 293 3.25 -33.86 -10.43
CA VAL B 293 4.15 -33.36 -11.45
C VAL B 293 3.64 -33.75 -12.81
N ILE B 294 3.62 -32.82 -13.74
CA ILE B 294 3.14 -33.15 -15.07
C ILE B 294 4.25 -33.16 -16.10
N ILE B 295 4.44 -34.29 -16.77
CA ILE B 295 5.44 -34.35 -17.83
C ILE B 295 4.63 -34.37 -19.10
N PHE B 296 5.03 -33.62 -20.11
CA PHE B 296 4.22 -33.59 -21.32
C PHE B 296 4.96 -33.16 -22.56
N ALA B 297 4.35 -33.44 -23.69
CA ALA B 297 4.92 -33.05 -24.97
C ALA B 297 4.44 -31.64 -25.22
N ASN B 298 5.33 -30.66 -25.06
CA ASN B 298 4.96 -29.28 -25.26
C ASN B 298 4.82 -28.96 -26.74
N THR B 299 3.74 -29.44 -27.35
CA THR B 299 3.50 -29.25 -28.77
C THR B 299 2.06 -28.93 -29.06
N PRO B 300 1.80 -28.01 -29.99
CA PRO B 300 0.43 -27.65 -30.34
C PRO B 300 -0.35 -28.90 -30.71
N ALA B 301 0.34 -29.88 -31.28
CA ALA B 301 -0.31 -31.12 -31.66
C ALA B 301 -0.74 -31.94 -30.45
N VAL B 302 -0.51 -31.41 -29.25
CA VAL B 302 -0.87 -32.11 -28.02
C VAL B 302 -1.62 -31.17 -27.10
N LEU B 303 -0.92 -30.14 -26.67
CA LEU B 303 -1.45 -29.15 -25.77
C LEU B 303 -1.82 -27.89 -26.53
N ASP B 304 -2.73 -27.10 -25.98
CA ASP B 304 -3.16 -25.92 -26.69
C ASP B 304 -3.98 -25.00 -25.78
N VAL B 305 -3.54 -23.77 -25.54
CA VAL B 305 -4.33 -22.89 -24.70
C VAL B 305 -5.09 -21.91 -25.58
N VAL B 306 -6.42 -22.04 -25.61
CA VAL B 306 -7.22 -21.14 -26.44
C VAL B 306 -7.73 -19.96 -25.64
N VAL B 307 -7.58 -18.77 -26.23
CA VAL B 307 -8.01 -17.56 -25.57
C VAL B 307 -9.15 -16.90 -26.30
N GLY B 308 -10.30 -16.83 -25.64
CA GLY B 308 -11.46 -16.21 -26.26
C GLY B 308 -11.39 -14.70 -26.10
N GLN B 309 -10.89 -14.26 -24.96
CA GLN B 309 -10.75 -12.85 -24.65
C GLN B 309 -9.49 -12.64 -23.86
N ASP B 310 -8.72 -11.63 -24.25
CA ASP B 310 -7.48 -11.33 -23.54
C ASP B 310 -7.78 -10.79 -22.16
N VAL B 311 -6.74 -10.31 -21.48
CA VAL B 311 -6.95 -9.75 -20.16
C VAL B 311 -7.29 -8.30 -20.40
N THR B 312 -8.38 -7.84 -19.81
CA THR B 312 -8.80 -6.46 -19.98
C THR B 312 -9.33 -5.82 -18.72
N LEU B 313 -9.04 -4.53 -18.59
CA LEU B 313 -9.48 -3.76 -17.45
C LEU B 313 -10.68 -2.96 -17.87
N GLN B 314 -11.77 -3.15 -17.15
CA GLN B 314 -12.99 -2.43 -17.45
C GLN B 314 -13.39 -1.70 -16.20
N GLU B 315 -13.76 -0.44 -16.38
CA GLU B 315 -14.17 0.39 -15.26
C GLU B 315 -15.66 0.21 -15.03
N LEU B 316 -16.00 -0.72 -14.14
CA LEU B 316 -17.40 -0.96 -13.83
C LEU B 316 -18.02 0.37 -13.48
N GLY B 317 -17.81 0.83 -12.25
CA GLY B 317 -18.38 2.11 -11.87
C GLY B 317 -18.63 2.38 -10.39
N PRO B 318 -18.72 3.67 -10.02
CA PRO B 318 -18.95 4.16 -8.65
C PRO B 318 -19.92 3.30 -7.84
N GLU B 319 -19.40 2.56 -6.87
CA GLU B 319 -20.25 1.70 -6.06
C GLU B 319 -20.03 1.87 -4.55
N GLY B 320 -20.38 3.04 -4.05
CA GLY B 320 -20.22 3.31 -2.63
C GLY B 320 -19.36 4.52 -2.35
N ASP B 321 -18.14 4.27 -1.89
CA ASP B 321 -17.19 5.34 -1.58
C ASP B 321 -16.07 5.20 -2.59
N ASP B 322 -16.14 4.13 -3.38
CA ASP B 322 -15.13 3.82 -4.38
C ASP B 322 -15.66 3.38 -5.72
N VAL B 323 -14.77 3.31 -6.69
CA VAL B 323 -15.11 2.89 -8.04
C VAL B 323 -14.75 1.43 -8.17
N ALA B 324 -15.58 0.67 -8.86
CA ALA B 324 -15.32 -0.75 -9.06
C ALA B 324 -14.68 -0.98 -10.42
N PHE B 325 -13.77 -1.94 -10.49
CA PHE B 325 -13.12 -2.27 -11.75
C PHE B 325 -13.21 -3.76 -11.99
N LEU B 326 -13.13 -4.13 -13.26
CA LEU B 326 -13.25 -5.53 -13.62
C LEU B 326 -12.13 -6.10 -14.49
N VAL B 327 -11.34 -7.00 -13.93
CA VAL B 327 -10.29 -7.64 -14.71
C VAL B 327 -10.93 -8.93 -15.17
N SER B 328 -10.81 -9.23 -16.46
CA SER B 328 -11.44 -10.43 -17.02
C SER B 328 -10.75 -11.02 -18.25
N GLU B 329 -10.92 -12.32 -18.45
CA GLU B 329 -10.34 -12.99 -19.62
C GLU B 329 -10.99 -14.34 -19.90
N ALA B 330 -11.04 -14.70 -21.18
CA ALA B 330 -11.61 -15.99 -21.61
C ALA B 330 -10.45 -16.92 -21.91
N ILE B 331 -10.44 -18.11 -21.33
CA ILE B 331 -9.31 -18.98 -21.56
C ILE B 331 -9.59 -20.45 -21.24
N GLY B 332 -8.98 -21.34 -22.01
CA GLY B 332 -9.17 -22.78 -21.79
C GLY B 332 -8.11 -23.61 -22.50
N ILE B 333 -7.91 -24.86 -22.07
CA ILE B 333 -6.93 -25.74 -22.71
C ILE B 333 -7.58 -26.81 -23.58
N ARG B 334 -6.98 -26.98 -24.74
CA ARG B 334 -7.41 -27.92 -25.74
C ARG B 334 -6.40 -29.06 -25.71
N ILE B 335 -6.80 -30.20 -25.16
CA ILE B 335 -5.88 -31.33 -25.13
C ILE B 335 -6.22 -32.36 -26.20
N LYS B 336 -5.47 -32.33 -27.30
CA LYS B 336 -5.67 -33.23 -28.43
C LYS B 336 -5.06 -34.60 -28.24
N ASN B 337 -3.97 -34.72 -27.47
CA ASN B 337 -3.32 -36.02 -27.33
C ASN B 337 -3.10 -36.44 -25.89
N PRO B 338 -4.18 -36.58 -25.13
CA PRO B 338 -4.13 -36.97 -23.72
C PRO B 338 -2.98 -37.88 -23.36
N GLU B 339 -2.68 -38.81 -24.25
CA GLU B 339 -1.62 -39.78 -24.00
C GLU B 339 -0.19 -39.25 -23.95
N ALA B 340 -0.01 -38.01 -24.39
CA ALA B 340 1.32 -37.40 -24.40
C ALA B 340 1.52 -36.60 -23.13
N ILE B 341 0.62 -36.81 -22.19
CA ILE B 341 0.69 -36.13 -20.92
C ILE B 341 0.76 -37.21 -19.87
N VAL B 342 1.63 -37.05 -18.89
CA VAL B 342 1.70 -38.05 -17.84
C VAL B 342 1.86 -37.33 -16.52
N VAL B 343 1.05 -37.77 -15.55
CA VAL B 343 1.06 -37.16 -14.24
C VAL B 343 1.70 -38.01 -13.18
N LEU B 344 2.67 -37.46 -12.48
CA LEU B 344 3.29 -38.20 -11.40
C LEU B 344 2.53 -37.74 -10.19
N GLU B 345 1.78 -38.61 -9.55
CA GLU B 345 1.05 -38.21 -8.37
C GLU B 345 1.15 -39.22 -7.22
N VAL C 110 -24.39 17.79 -17.15
CA VAL C 110 -24.95 18.58 -18.29
C VAL C 110 -25.28 20.03 -17.88
N GLU C 111 -26.50 20.24 -17.38
CA GLU C 111 -26.95 21.55 -16.92
C GLU C 111 -27.63 21.44 -15.57
N TYR C 112 -28.36 20.35 -15.36
CA TYR C 112 -29.05 20.10 -14.10
C TYR C 112 -28.01 19.88 -13.04
N PHE C 113 -26.76 19.79 -13.46
CA PHE C 113 -25.68 19.59 -12.53
C PHE C 113 -25.41 20.93 -11.88
N GLU C 114 -24.87 21.84 -12.68
CA GLU C 114 -24.57 23.17 -12.18
C GLU C 114 -25.70 23.74 -11.34
N LYS C 115 -26.94 23.36 -11.66
CA LYS C 115 -28.07 23.87 -10.89
C LYS C 115 -28.17 23.15 -9.55
N LEU C 116 -27.94 21.85 -9.55
CA LEU C 116 -28.00 21.10 -8.30
C LEU C 116 -26.85 21.56 -7.43
N ARG C 117 -25.68 21.65 -8.04
CA ARG C 117 -24.48 22.07 -7.33
C ARG C 117 -24.73 23.34 -6.55
N SER C 118 -25.33 24.33 -7.20
CA SER C 118 -25.61 25.60 -6.54
C SER C 118 -26.54 25.45 -5.36
N ALA C 119 -27.69 24.84 -5.58
CA ALA C 119 -28.63 24.64 -4.47
C ALA C 119 -27.92 23.92 -3.34
N LEU C 120 -26.95 23.08 -3.68
CA LEU C 120 -26.18 22.34 -2.68
C LEU C 120 -25.39 23.36 -1.88
N LEU C 121 -24.61 24.18 -2.56
CA LEU C 121 -23.82 25.18 -1.87
C LEU C 121 -24.66 26.20 -1.11
N ASP C 122 -25.49 26.95 -1.81
CA ASP C 122 -26.32 27.96 -1.15
C ASP C 122 -27.39 27.27 -0.31
N GLY C 123 -26.91 26.31 0.47
CA GLY C 123 -27.75 25.53 1.36
C GLY C 123 -26.78 25.18 2.45
N VAL C 124 -25.52 25.03 2.05
CA VAL C 124 -24.43 24.72 2.95
C VAL C 124 -24.01 26.04 3.55
N ASN C 125 -23.98 27.07 2.71
CA ASN C 125 -23.59 28.40 3.16
C ASN C 125 -24.59 29.01 4.12
N LYS C 126 -25.86 28.75 3.87
CA LYS C 126 -26.88 29.29 4.75
C LYS C 126 -26.97 28.51 6.05
N GLY C 127 -26.53 27.26 6.03
CA GLY C 127 -26.60 26.44 7.23
C GLY C 127 -25.43 26.52 8.20
N ARG C 128 -24.25 26.87 7.70
CA ARG C 128 -23.06 26.95 8.53
C ARG C 128 -23.17 28.00 9.62
N SER C 129 -22.69 27.66 10.81
CA SER C 129 -22.74 28.59 11.92
C SER C 129 -21.40 28.63 12.63
N LEU C 130 -21.11 27.60 13.40
CA LEU C 130 -19.85 27.54 14.12
C LEU C 130 -18.70 27.78 13.16
N LEU C 131 -18.68 26.98 12.10
CA LEU C 131 -17.63 27.10 11.11
C LEU C 131 -17.45 28.49 10.50
N LYS C 132 -18.38 29.41 10.77
CA LYS C 132 -18.24 30.75 10.20
C LYS C 132 -17.43 31.63 11.13
N HIS C 133 -17.38 31.25 12.40
CA HIS C 133 -16.66 32.02 13.40
C HIS C 133 -15.22 31.57 13.63
N LEU C 134 -14.97 30.28 13.41
CA LEU C 134 -13.62 29.74 13.59
C LEU C 134 -12.73 30.09 12.41
N PRO C 135 -11.42 30.23 12.68
CA PRO C 135 -10.44 30.55 11.62
C PRO C 135 -10.22 29.33 10.75
N VAL C 136 -9.96 29.54 9.46
CA VAL C 136 -9.77 28.41 8.57
C VAL C 136 -8.50 28.40 7.73
N THR C 137 -7.99 27.20 7.48
CA THR C 137 -6.77 27.02 6.69
C THR C 137 -6.89 25.87 5.70
N ARG C 138 -6.46 26.12 4.47
CA ARG C 138 -6.49 25.09 3.43
C ARG C 138 -5.25 24.23 3.43
N ILE C 139 -5.44 22.93 3.34
CA ILE C 139 -4.34 21.99 3.33
C ILE C 139 -4.55 20.96 2.24
N GLU C 140 -3.57 20.81 1.36
CA GLU C 140 -3.73 19.81 0.31
C GLU C 140 -3.16 18.49 0.85
N GLY C 141 -4.06 17.58 1.24
CA GLY C 141 -3.66 16.30 1.76
C GLY C 141 -4.79 15.57 2.46
N GLN C 142 -4.46 14.46 3.12
CA GLN C 142 -5.46 13.69 3.82
C GLN C 142 -5.23 13.73 5.32
N SER C 143 -4.06 14.21 5.71
CA SER C 143 -3.71 14.32 7.12
C SER C 143 -3.00 15.65 7.35
N PHE C 144 -2.98 16.12 8.58
CA PHE C 144 -2.33 17.37 8.89
C PHE C 144 -1.57 17.27 10.20
N ARG C 145 -0.63 18.18 10.42
CA ARG C 145 0.14 18.17 11.66
C ARG C 145 -0.39 19.20 12.62
N VAL C 146 -0.57 18.81 13.86
CA VAL C 146 -1.07 19.76 14.83
C VAL C 146 0.11 20.23 15.70
N ASP C 147 0.30 21.53 15.78
CA ASP C 147 1.38 22.08 16.57
C ASP C 147 0.84 22.69 17.86
N ILE C 148 1.27 22.20 19.01
CA ILE C 148 0.81 22.79 20.26
C ILE C 148 1.72 23.98 20.54
N ILE C 149 1.16 25.18 20.46
CA ILE C 149 1.93 26.39 20.68
C ILE C 149 1.77 26.95 22.08
N LYS C 150 2.86 26.96 22.83
CA LYS C 150 2.88 27.47 24.19
C LYS C 150 4.03 28.45 24.37
N PHE C 151 4.07 29.09 25.54
CA PHE C 151 5.14 30.04 25.83
C PHE C 151 6.09 29.46 26.87
N GLU C 152 7.33 29.26 26.46
CA GLU C 152 8.39 28.74 27.32
C GLU C 152 9.65 29.38 26.79
N ASP C 153 10.01 30.51 27.38
CA ASP C 153 11.17 31.26 26.94
C ASP C 153 10.92 31.54 25.45
N GLY C 154 9.78 32.16 25.17
CA GLY C 154 9.43 32.47 23.79
C GLY C 154 8.27 31.64 23.29
N VAL C 155 7.57 32.14 22.27
CA VAL C 155 6.49 31.39 21.73
C VAL C 155 7.21 30.26 21.01
N ARG C 156 6.89 29.04 21.42
CA ARG C 156 7.54 27.87 20.86
C ARG C 156 6.56 26.70 20.70
N VAL C 157 6.93 25.74 19.88
CA VAL C 157 6.10 24.56 19.65
C VAL C 157 6.50 23.50 20.65
N VAL C 158 5.59 23.17 21.56
CA VAL C 158 5.92 22.18 22.57
C VAL C 158 5.63 20.73 22.19
N LYS C 159 4.62 20.50 21.36
CA LYS C 159 4.30 19.14 20.96
C LYS C 159 3.83 19.02 19.52
N GLN C 160 4.29 17.98 18.84
CA GLN C 160 3.92 17.70 17.46
C GLN C 160 2.86 16.61 17.54
N GLU C 161 2.16 16.36 16.43
CA GLU C 161 1.14 15.31 16.42
C GLU C 161 0.45 15.30 15.06
N TYR C 162 0.21 14.10 14.53
CA TYR C 162 -0.44 14.00 13.23
C TYR C 162 -1.84 13.43 13.30
N LYS C 163 -2.77 14.15 12.67
CA LYS C 163 -4.17 13.74 12.64
C LYS C 163 -4.55 13.60 11.18
N PRO C 164 -5.54 12.75 10.90
CA PRO C 164 -5.99 12.55 9.53
C PRO C 164 -7.27 13.36 9.34
N ILE C 165 -7.44 13.95 8.17
CA ILE C 165 -8.66 14.70 7.90
C ILE C 165 -9.68 13.69 7.41
N PRO C 166 -10.72 13.44 8.21
CA PRO C 166 -11.74 12.47 7.81
C PRO C 166 -12.63 13.05 6.72
N LEU C 167 -13.26 12.16 5.97
CA LEU C 167 -14.14 12.56 4.88
C LEU C 167 -15.58 12.66 5.33
N LEU C 168 -16.23 13.75 4.95
CA LEU C 168 -17.63 13.96 5.26
C LEU C 168 -18.42 13.78 4.00
N LYS C 169 -19.38 12.87 4.05
CA LYS C 169 -20.18 12.60 2.89
C LYS C 169 -21.66 12.57 3.18
N LYS C 170 -22.43 12.87 2.13
CA LYS C 170 -23.88 12.88 2.18
C LYS C 170 -24.28 12.71 0.74
N LYS C 171 -25.20 11.80 0.49
CA LYS C 171 -25.66 11.52 -0.86
C LYS C 171 -27.16 11.77 -1.02
N PHE C 172 -27.57 12.10 -2.23
CA PHE C 172 -28.97 12.34 -2.50
C PHE C 172 -29.28 11.78 -3.87
N TYR C 173 -30.54 11.41 -4.08
CA TYR C 173 -30.94 10.87 -5.37
C TYR C 173 -32.09 11.64 -6.03
N VAL C 174 -31.91 11.95 -7.31
CA VAL C 174 -32.92 12.68 -8.07
C VAL C 174 -33.48 11.78 -9.15
N GLY C 175 -34.81 11.64 -9.20
CA GLY C 175 -35.44 10.79 -10.21
C GLY C 175 -34.86 10.90 -11.62
N ILE C 176 -34.80 9.80 -12.34
CA ILE C 176 -34.25 9.83 -13.69
C ILE C 176 -35.13 10.74 -14.50
N ARG C 177 -36.42 10.40 -14.52
CA ARG C 177 -37.39 11.16 -15.27
C ARG C 177 -37.21 12.65 -15.10
N GLU C 178 -37.43 13.10 -13.87
CA GLU C 178 -37.31 14.51 -13.54
C GLU C 178 -36.05 15.11 -14.11
N LEU C 179 -34.94 14.41 -13.99
CA LEU C 179 -33.69 14.94 -14.51
C LEU C 179 -33.76 15.14 -16.01
N ASN C 180 -34.57 14.33 -16.67
CA ASN C 180 -34.68 14.46 -18.12
C ASN C 180 -35.65 15.55 -18.57
N ASP C 181 -36.85 15.56 -17.98
CA ASP C 181 -37.85 16.55 -18.35
C ASP C 181 -37.68 17.87 -17.59
N GLY C 182 -36.56 18.01 -16.89
CA GLY C 182 -36.26 19.23 -16.15
C GLY C 182 -37.15 19.64 -15.01
N THR C 183 -37.96 18.72 -14.50
CA THR C 183 -38.86 19.06 -13.41
C THR C 183 -38.34 18.57 -12.07
N TYR C 184 -37.03 18.45 -11.93
CA TYR C 184 -36.45 17.97 -10.68
C TYR C 184 -36.44 19.07 -9.65
N ASP C 185 -36.61 18.70 -8.38
CA ASP C 185 -36.60 19.68 -7.30
C ASP C 185 -35.22 19.89 -6.71
N VAL C 186 -34.56 20.97 -7.12
CA VAL C 186 -33.22 21.27 -6.63
C VAL C 186 -33.14 21.31 -5.11
N SER C 187 -34.28 21.44 -4.44
CA SER C 187 -34.29 21.50 -2.99
C SER C 187 -33.63 20.26 -2.41
N ILE C 188 -33.72 19.15 -3.12
CA ILE C 188 -33.11 17.91 -2.67
C ILE C 188 -31.65 18.19 -2.34
N ALA C 189 -30.92 18.74 -3.30
CA ALA C 189 -29.52 19.07 -3.10
C ALA C 189 -29.38 19.93 -1.85
N THR C 190 -30.26 20.92 -1.72
CA THR C 190 -30.21 21.78 -0.56
C THR C 190 -30.28 20.94 0.71
N LYS C 191 -31.33 20.13 0.85
CA LYS C 191 -31.45 19.30 2.04
C LYS C 191 -30.15 18.55 2.28
N ALA C 192 -29.56 18.01 1.22
CA ALA C 192 -28.31 17.28 1.36
C ALA C 192 -27.30 18.19 2.04
N GLY C 193 -27.06 19.35 1.43
CA GLY C 193 -26.12 20.30 1.98
C GLY C 193 -26.42 20.64 3.43
N GLU C 194 -27.70 20.87 3.75
CA GLU C 194 -28.06 21.20 5.12
C GLU C 194 -27.53 20.14 6.07
N LEU C 195 -27.76 18.88 5.69
CA LEU C 195 -27.31 17.76 6.49
C LEU C 195 -25.80 17.70 6.55
N LEU C 196 -25.14 17.88 5.42
CA LEU C 196 -23.69 17.84 5.41
C LEU C 196 -23.20 18.75 6.50
N VAL C 197 -23.63 20.00 6.46
CA VAL C 197 -23.23 20.97 7.45
C VAL C 197 -23.50 20.54 8.86
N LYS C 198 -24.70 20.06 9.13
CA LYS C 198 -25.03 19.62 10.47
C LYS C 198 -23.99 18.60 10.92
N ASP C 199 -23.68 17.63 10.07
CA ASP C 199 -22.69 16.63 10.41
C ASP C 199 -21.33 17.26 10.64
N GLU C 200 -20.96 18.14 9.72
CA GLU C 200 -19.70 18.85 9.79
C GLU C 200 -19.59 19.62 11.09
N GLU C 201 -20.64 20.34 11.44
CA GLU C 201 -20.63 21.13 12.66
C GLU C 201 -20.50 20.28 13.90
N SER C 202 -21.33 19.26 14.03
CA SER C 202 -21.26 18.42 15.20
C SER C 202 -19.95 17.67 15.28
N LEU C 203 -19.30 17.46 14.14
CA LEU C 203 -18.03 16.76 14.13
C LEU C 203 -17.00 17.63 14.83
N VAL C 204 -16.94 18.90 14.46
CA VAL C 204 -16.00 19.82 15.08
C VAL C 204 -16.22 19.80 16.58
N ILE C 205 -17.45 20.07 16.98
CA ILE C 205 -17.78 20.07 18.39
C ILE C 205 -17.39 18.78 19.06
N ARG C 206 -17.79 17.66 18.49
CA ARG C 206 -17.46 16.36 19.05
C ARG C 206 -15.97 16.29 19.33
N GLU C 207 -15.17 16.65 18.33
CA GLU C 207 -13.72 16.60 18.48
C GLU C 207 -13.13 17.56 19.48
N ILE C 208 -13.70 18.75 19.62
CA ILE C 208 -13.16 19.68 20.59
C ILE C 208 -13.33 19.02 21.94
N LEU C 209 -14.56 18.61 22.23
CA LEU C 209 -14.87 17.96 23.49
C LEU C 209 -14.01 16.76 23.85
N SER C 210 -13.37 16.16 22.86
CA SER C 210 -12.55 14.99 23.17
C SER C 210 -11.07 15.25 22.94
N THR C 211 -10.66 16.51 23.05
CA THR C 211 -9.26 16.84 22.85
C THR C 211 -8.54 16.71 24.17
N GLU C 212 -7.23 16.49 24.11
CA GLU C 212 -6.41 16.29 25.29
C GLU C 212 -6.45 17.31 26.41
N GLY C 213 -5.73 18.41 26.23
CA GLY C 213 -5.63 19.43 27.27
C GLY C 213 -6.86 20.17 27.78
N ILE C 214 -7.84 20.44 26.91
CA ILE C 214 -9.02 21.18 27.32
C ILE C 214 -9.38 21.01 28.79
N LYS C 215 -9.67 22.14 29.43
CA LYS C 215 -10.01 22.17 30.83
C LYS C 215 -11.51 21.98 31.01
N LYS C 216 -11.87 21.13 31.96
CA LYS C 216 -13.27 20.83 32.26
C LYS C 216 -13.65 21.43 33.63
N MET C 217 -14.86 21.98 33.71
CA MET C 217 -15.36 22.56 34.95
C MET C 217 -16.75 22.01 35.20
N LYS C 218 -17.29 22.29 36.39
CA LYS C 218 -18.60 21.80 36.74
C LYS C 218 -19.70 22.76 36.33
N LEU C 219 -20.57 22.28 35.44
CA LEU C 219 -21.68 23.05 34.94
C LEU C 219 -22.89 22.78 35.82
N SER C 220 -23.40 23.84 36.44
CA SER C 220 -24.55 23.73 37.33
C SER C 220 -25.85 24.11 36.62
N SER C 221 -26.85 23.23 36.71
CA SER C 221 -28.15 23.47 36.08
C SER C 221 -28.66 24.84 36.50
N TRP C 222 -28.60 25.79 35.58
CA TRP C 222 -29.02 27.15 35.83
C TRP C 222 -30.50 27.31 36.15
N ASP C 223 -30.80 27.43 37.44
CA ASP C 223 -32.17 27.61 37.92
C ASP C 223 -32.18 28.83 38.83
N ASN C 224 -31.01 29.15 39.37
CA ASN C 224 -30.83 30.29 40.28
C ASN C 224 -29.92 31.31 39.60
N PRO C 225 -30.44 32.02 38.57
CA PRO C 225 -29.81 33.04 37.73
C PRO C 225 -28.55 33.81 38.17
N GLU C 226 -28.12 33.65 39.42
CA GLU C 226 -26.90 34.33 39.83
C GLU C 226 -25.72 33.37 39.63
N GLU C 227 -26.02 32.08 39.59
CA GLU C 227 -25.00 31.03 39.39
C GLU C 227 -24.68 30.88 37.91
N ALA C 228 -25.68 31.08 37.06
CA ALA C 228 -25.49 30.97 35.63
C ALA C 228 -24.31 31.85 35.25
N LEU C 229 -24.53 33.16 35.24
CA LEU C 229 -23.49 34.11 34.90
C LEU C 229 -22.17 33.76 35.56
N ASN C 230 -22.24 33.13 36.72
CA ASN C 230 -21.03 32.75 37.44
C ASN C 230 -20.29 31.67 36.66
N ASP C 231 -20.95 30.54 36.44
CA ASP C 231 -20.36 29.43 35.71
C ASP C 231 -19.67 29.90 34.42
N LEU C 232 -20.31 30.80 33.70
CA LEU C 232 -19.73 31.32 32.46
C LEU C 232 -18.54 32.18 32.81
N MET C 233 -18.77 33.22 33.59
CA MET C 233 -17.70 34.11 33.99
C MET C 233 -16.50 33.33 34.53
N ASN C 234 -16.77 32.23 35.20
CA ASN C 234 -15.70 31.42 35.77
C ASN C 234 -14.89 30.68 34.70
N ALA C 235 -15.61 30.05 33.77
CA ALA C 235 -14.94 29.33 32.69
C ALA C 235 -14.12 30.32 31.90
N LEU C 236 -14.77 31.41 31.52
CA LEU C 236 -14.13 32.46 30.74
C LEU C 236 -12.87 32.93 31.43
N GLN C 237 -12.81 32.75 32.75
CA GLN C 237 -11.64 33.15 33.50
C GLN C 237 -10.57 32.11 33.20
N GLU C 238 -10.83 30.88 33.64
CA GLU C 238 -9.89 29.78 33.43
C GLU C 238 -9.33 29.76 32.02
N ALA C 239 -10.15 30.15 31.05
CA ALA C 239 -9.70 30.17 29.67
C ALA C 239 -8.63 31.23 29.50
N SER C 240 -8.96 32.45 29.87
CA SER C 240 -8.06 33.59 29.76
C SER C 240 -6.63 33.32 30.19
N ASN C 241 -6.45 32.37 31.10
CA ASN C 241 -5.11 32.05 31.59
C ASN C 241 -4.24 31.37 30.55
N ALA C 242 -4.83 31.05 29.40
CA ALA C 242 -4.10 30.40 28.31
C ALA C 242 -3.84 31.35 27.14
N SER C 243 -4.91 31.98 26.65
CA SER C 243 -4.81 32.92 25.54
C SER C 243 -5.80 34.04 25.79
N ALA C 244 -5.36 35.25 25.51
CA ALA C 244 -6.20 36.41 25.75
C ALA C 244 -7.19 36.72 24.63
N GLY C 245 -6.94 36.20 23.42
CA GLY C 245 -7.82 36.47 22.29
C GLY C 245 -9.31 36.44 22.66
N PRO C 246 -10.18 37.04 21.83
CA PRO C 246 -11.63 37.11 22.07
C PRO C 246 -12.19 35.76 22.50
N PHE C 247 -13.26 35.74 23.27
CA PHE C 247 -13.78 34.44 23.70
C PHE C 247 -15.10 34.05 23.10
N GLY C 248 -15.21 32.79 22.73
CA GLY C 248 -16.43 32.30 22.11
C GLY C 248 -17.20 31.37 23.00
N LEU C 249 -18.50 31.31 22.75
CA LEU C 249 -19.38 30.46 23.53
C LEU C 249 -20.18 29.54 22.65
N ILE C 250 -20.10 28.25 22.91
CA ILE C 250 -20.87 27.29 22.13
C ILE C 250 -21.84 26.66 23.10
N ILE C 251 -23.10 27.03 23.00
CA ILE C 251 -24.12 26.47 23.89
C ILE C 251 -25.36 26.01 23.16
N ASN C 252 -25.97 24.96 23.69
CA ASN C 252 -27.19 24.41 23.12
C ASN C 252 -28.25 25.50 23.30
N PRO C 253 -29.30 25.51 22.48
CA PRO C 253 -30.35 26.53 22.61
C PRO C 253 -31.15 26.46 23.92
N LYS C 254 -31.36 25.25 24.43
CA LYS C 254 -32.09 25.04 25.67
C LYS C 254 -31.41 25.80 26.81
N ARG C 255 -30.08 25.84 26.77
CA ARG C 255 -29.32 26.56 27.80
C ARG C 255 -29.46 28.04 27.52
N TYR C 256 -29.49 28.40 26.24
CA TYR C 256 -29.61 29.80 25.87
C TYR C 256 -31.01 30.23 26.27
N ALA C 257 -31.86 29.25 26.56
CA ALA C 257 -33.22 29.52 26.98
C ALA C 257 -33.19 29.88 28.47
N LYS C 258 -32.88 28.90 29.30
CA LYS C 258 -32.81 29.13 30.74
C LYS C 258 -31.98 30.37 31.04
N LEU C 259 -31.19 30.80 30.07
CA LEU C 259 -30.33 31.97 30.25
C LEU C 259 -31.09 33.27 30.00
N LEU C 260 -32.40 33.16 29.88
CA LEU C 260 -33.23 34.35 29.67
C LEU C 260 -34.18 34.51 30.86
N LYS C 261 -33.79 35.38 31.79
CA LYS C 261 -34.56 35.66 32.99
C LYS C 261 -34.17 37.02 33.60
N ILE C 262 -33.81 37.96 32.73
CA ILE C 262 -33.41 39.32 33.14
C ILE C 262 -34.18 40.38 32.32
N VAL C 271 -26.54 39.07 30.24
CA VAL C 271 -27.36 38.28 29.31
C VAL C 271 -27.55 39.04 28.00
N GLU C 272 -27.32 40.34 28.06
CA GLU C 272 -27.44 41.20 26.89
C GLU C 272 -26.04 41.72 26.64
N VAL C 273 -25.19 41.52 27.64
CA VAL C 273 -23.79 41.92 27.59
C VAL C 273 -22.91 40.73 27.23
N LEU C 274 -23.53 39.58 27.01
CA LEU C 274 -22.76 38.42 26.63
C LEU C 274 -21.99 38.84 25.39
N LYS C 275 -22.66 39.60 24.52
CA LYS C 275 -22.06 40.09 23.29
C LYS C 275 -20.94 41.09 23.59
N GLU C 276 -20.93 41.58 24.83
CA GLU C 276 -19.94 42.54 25.29
C GLU C 276 -18.74 41.85 25.93
N ILE C 277 -18.98 40.64 26.43
CA ILE C 277 -17.93 39.87 27.08
C ILE C 277 -17.42 38.71 26.20
N PHE C 278 -18.34 38.01 25.55
CA PHE C 278 -17.98 36.91 24.66
C PHE C 278 -17.86 37.43 23.23
N ARG C 279 -16.89 38.31 23.00
CA ARG C 279 -16.72 38.87 21.66
C ARG C 279 -16.41 37.81 20.60
N GLY C 280 -15.73 36.75 21.00
CA GLY C 280 -15.38 35.70 20.06
C GLY C 280 -16.57 35.13 19.28
N GLY C 281 -17.76 35.28 19.82
CA GLY C 281 -18.93 34.78 19.15
C GLY C 281 -19.78 33.89 20.02
N ILE C 282 -21.09 33.97 19.83
CA ILE C 282 -22.01 33.16 20.61
C ILE C 282 -22.72 32.21 19.68
N ILE C 283 -22.12 31.03 19.51
CA ILE C 283 -22.67 30.02 18.65
C ILE C 283 -23.71 29.21 19.40
N VAL C 284 -24.96 29.31 18.96
CA VAL C 284 -26.03 28.56 19.60
C VAL C 284 -26.42 27.45 18.64
N THR C 285 -26.23 26.20 19.06
CA THR C 285 -26.57 25.11 18.16
C THR C 285 -27.03 23.87 18.88
N LEU C 286 -27.93 23.15 18.23
CA LEU C 286 -28.48 21.92 18.79
C LEU C 286 -27.49 20.80 18.57
N ASN C 287 -26.30 21.16 18.10
CA ASN C 287 -25.27 20.18 17.82
C ASN C 287 -24.36 19.88 18.99
N ILE C 288 -24.49 20.66 20.06
CA ILE C 288 -23.69 20.44 21.25
C ILE C 288 -24.66 19.98 22.33
N ASP C 289 -24.40 18.82 22.92
CA ASP C 289 -25.26 18.28 23.97
C ASP C 289 -25.79 19.41 24.85
N GLU C 290 -27.10 19.44 25.04
CA GLU C 290 -27.74 20.48 25.85
C GLU C 290 -27.05 20.73 27.19
N ASN C 291 -26.52 19.66 27.78
CA ASN C 291 -25.86 19.73 29.08
C ASN C 291 -24.34 19.91 29.05
N LYS C 292 -23.89 20.68 28.07
CA LYS C 292 -22.47 20.98 27.91
C LYS C 292 -22.34 22.36 27.30
N VAL C 293 -21.30 23.07 27.68
CA VAL C 293 -21.07 24.40 27.19
C VAL C 293 -19.58 24.59 26.98
N ILE C 294 -19.21 25.17 25.85
CA ILE C 294 -17.81 25.38 25.57
C ILE C 294 -17.46 26.85 25.50
N ILE C 295 -16.41 27.23 26.21
CA ILE C 295 -15.93 28.60 26.17
C ILE C 295 -14.53 28.46 25.64
N PHE C 296 -14.19 29.22 24.61
CA PHE C 296 -12.87 29.10 24.03
C PHE C 296 -12.30 30.42 23.55
N ALA C 297 -10.98 30.46 23.46
CA ALA C 297 -10.32 31.65 22.97
C ALA C 297 -10.35 31.51 21.45
N ASN C 298 -11.16 32.32 20.78
CA ASN C 298 -11.26 32.26 19.34
C ASN C 298 -10.05 32.88 18.66
N THR C 299 -9.04 32.06 18.37
CA THR C 299 -7.85 32.56 17.72
C THR C 299 -6.96 31.45 17.18
N PRO C 300 -6.34 31.68 16.02
CA PRO C 300 -5.44 30.75 15.33
C PRO C 300 -4.44 30.17 16.30
N ALA C 301 -4.01 31.01 17.23
CA ALA C 301 -3.05 30.61 18.24
C ALA C 301 -3.66 29.54 19.15
N VAL C 302 -4.97 29.34 19.01
CA VAL C 302 -5.69 28.36 19.81
C VAL C 302 -6.24 27.20 19.00
N LEU C 303 -7.15 27.50 18.07
CA LEU C 303 -7.72 26.45 17.23
C LEU C 303 -8.00 27.01 15.85
N ASP C 304 -8.18 26.12 14.89
CA ASP C 304 -8.49 26.53 13.53
C ASP C 304 -8.95 25.32 12.76
N VAL C 305 -9.78 25.57 11.75
CA VAL C 305 -10.29 24.47 10.95
C VAL C 305 -9.39 24.27 9.76
N VAL C 306 -9.06 23.02 9.50
CA VAL C 306 -8.22 22.69 8.37
C VAL C 306 -9.08 21.94 7.38
N VAL C 307 -9.10 22.39 6.13
CA VAL C 307 -9.90 21.74 5.13
C VAL C 307 -9.08 21.03 4.08
N GLY C 308 -9.35 19.75 3.89
CA GLY C 308 -8.61 18.97 2.91
C GLY C 308 -9.30 18.91 1.55
N GLN C 309 -10.60 19.18 1.55
CA GLN C 309 -11.40 19.14 0.33
C GLN C 309 -12.65 19.95 0.58
N ASP C 310 -12.92 20.92 -0.26
CA ASP C 310 -14.12 21.75 -0.09
C ASP C 310 -15.33 20.89 -0.39
N VAL C 311 -16.50 21.49 -0.26
CA VAL C 311 -17.71 20.76 -0.55
C VAL C 311 -17.75 20.59 -2.05
N THR C 312 -17.99 19.36 -2.48
CA THR C 312 -18.07 19.06 -3.91
C THR C 312 -19.19 18.10 -4.23
N LEU C 313 -19.83 18.35 -5.36
CA LEU C 313 -20.94 17.52 -5.81
C LEU C 313 -20.43 16.58 -6.88
N GLN C 314 -20.68 15.30 -6.70
CA GLN C 314 -20.26 14.32 -7.67
C GLN C 314 -21.45 13.51 -8.11
N GLU C 315 -21.58 13.35 -9.43
CA GLU C 315 -22.68 12.59 -9.98
C GLU C 315 -22.29 11.13 -10.10
N LEU C 316 -22.65 10.36 -9.08
CA LEU C 316 -22.36 8.94 -9.07
C LEU C 316 -22.94 8.32 -10.33
N GLY C 317 -24.27 8.28 -10.42
CA GLY C 317 -24.90 7.73 -11.60
C GLY C 317 -26.16 6.89 -11.41
N PRO C 318 -26.85 6.56 -12.51
CA PRO C 318 -28.09 5.77 -12.53
C PRO C 318 -28.01 4.66 -11.51
N GLU C 319 -28.95 4.63 -10.59
CA GLU C 319 -28.91 3.62 -9.56
C GLU C 319 -30.35 3.29 -9.15
N GLY C 320 -31.06 2.66 -10.09
CA GLY C 320 -32.45 2.30 -9.86
C GLY C 320 -33.28 3.15 -10.79
N ASP C 321 -34.20 3.93 -10.23
CA ASP C 321 -35.05 4.79 -11.04
C ASP C 321 -34.58 6.23 -10.97
N ASP C 322 -33.50 6.46 -10.24
CA ASP C 322 -32.96 7.80 -10.07
C ASP C 322 -31.45 7.79 -10.21
N VAL C 323 -30.86 8.96 -10.29
CA VAL C 323 -29.43 9.11 -10.39
C VAL C 323 -28.94 9.42 -9.00
N ALA C 324 -27.79 8.88 -8.63
CA ALA C 324 -27.24 9.13 -7.31
C ALA C 324 -26.18 10.22 -7.35
N PHE C 325 -26.17 11.05 -6.31
CA PHE C 325 -25.18 12.12 -6.23
C PHE C 325 -24.46 12.03 -4.89
N LEU C 326 -23.20 12.47 -4.88
CA LEU C 326 -22.40 12.42 -3.68
C LEU C 326 -21.79 13.75 -3.26
N VAL C 327 -22.23 14.26 -2.12
CA VAL C 327 -21.71 15.52 -1.59
C VAL C 327 -20.65 15.13 -0.58
N SER C 328 -19.46 15.70 -0.71
CA SER C 328 -18.37 15.34 0.21
C SER C 328 -17.38 16.46 0.51
N GLU C 329 -16.69 16.33 1.63
CA GLU C 329 -15.70 17.32 2.01
C GLU C 329 -14.75 16.79 3.08
N ALA C 330 -13.50 17.24 3.05
CA ALA C 330 -12.49 16.85 4.03
C ALA C 330 -12.36 18.01 5.00
N ILE C 331 -12.42 17.74 6.29
CA ILE C 331 -12.36 18.85 7.22
C ILE C 331 -12.07 18.40 8.65
N GLY C 332 -11.26 19.18 9.37
CA GLY C 332 -10.92 18.85 10.74
C GLY C 332 -10.51 20.07 11.54
N ILE C 333 -10.33 19.92 12.84
CA ILE C 333 -9.92 21.04 13.69
C ILE C 333 -8.60 20.75 14.36
N ARG C 334 -7.81 21.80 14.52
CA ARG C 334 -6.52 21.69 15.17
C ARG C 334 -6.60 22.51 16.43
N ILE C 335 -6.51 21.84 17.57
CA ILE C 335 -6.52 22.57 18.81
C ILE C 335 -5.05 22.71 19.16
N LYS C 336 -4.53 23.92 18.98
CA LYS C 336 -3.13 24.23 19.23
C LYS C 336 -2.88 24.54 20.70
N ASN C 337 -3.88 25.09 21.37
CA ASN C 337 -3.73 25.42 22.78
C ASN C 337 -4.97 25.02 23.54
N PRO C 338 -5.07 23.73 23.88
CA PRO C 338 -6.19 23.16 24.62
C PRO C 338 -6.58 23.95 25.85
N GLU C 339 -5.57 24.40 26.59
CA GLU C 339 -5.80 25.16 27.81
C GLU C 339 -6.73 26.36 27.56
N ALA C 340 -6.76 26.83 26.32
CA ALA C 340 -7.59 27.97 25.98
C ALA C 340 -9.04 27.59 25.72
N ILE C 341 -9.38 26.33 26.00
CA ILE C 341 -10.73 25.85 25.80
C ILE C 341 -11.27 25.32 27.11
N VAL C 342 -12.54 25.61 27.39
CA VAL C 342 -13.15 25.15 28.63
C VAL C 342 -14.55 24.62 28.42
N VAL C 343 -14.76 23.36 28.77
CA VAL C 343 -16.08 22.76 28.64
C VAL C 343 -16.76 22.72 29.99
N LEU C 344 -18.08 22.86 29.98
CA LEU C 344 -18.82 22.83 31.22
C LEU C 344 -19.69 21.59 31.19
N GLU C 345 -19.18 20.49 31.75
CA GLU C 345 -19.91 19.23 31.80
C GLU C 345 -20.74 19.08 33.09
#